data_8YNF
#
_entry.id   8YNF
#
_cell.length_a   1.00
_cell.length_b   1.00
_cell.length_c   1.00
_cell.angle_alpha   90.00
_cell.angle_beta   90.00
_cell.angle_gamma   90.00
#
_symmetry.space_group_name_H-M   'P 1'
#
loop_
_entity.id
_entity.type
_entity.pdbx_description
1 polymer 'Atypical chemokine receptor 1'
2 polymer IL-8(9-77)
#
loop_
_entity_poly.entity_id
_entity_poly.type
_entity_poly.pdbx_seq_one_letter_code
_entity_poly.pdbx_strand_id
1 'polypeptide(L)'
;MGKTIIALSYIFCLVFADYKDDDYAANFTPVNGSSGNQSVRLVTSSSLEVLFQGPGSGNCLHRAELSPSTENSSQLDFED
VWNSSYGVNDSFPDGDYGANLEAAAPCHSCNLLDDSALPFFILTSVLGILASSTVLFMLFRPLFRWQLCPGWPVLAQLAV
GSALFSIVVPVLAPGLGSTRSSALCSLGYCVWYGSAFAQALLLGCHASLGHRLGAGQVPGLTLGLTVGIWGVAALLTLPV
TLASGASGGLCTLIYSTELKALQATHTVACLAIFVLLPLGLFGAKGLKKALGMGPGPWMNILWAWFIFWWPHGVVLGLDF
LVRSKLLLLSTCLAQQALDLLLNLAEALAILHCVATPLLLALFCHQATRTLLPSLPLPEGWSSHLDTLGSKS
;
B,A
2 'polypeptide(L)' EGAVLPRSAKELRCQCIKTYSKPFHPKFIKELRVIESGPHCANTEIIVKLSDGRELCLDPKENWVQRVVEKFLKRAENS D,E,G,H
#
# COMPACT_ATOMS: atom_id res chain seq x y z
N GLU A 102 -0.59 -33.38 -45.70
CA GLU A 102 -1.78 -32.57 -45.93
C GLU A 102 -2.26 -31.85 -44.66
N ALA A 103 -2.12 -32.51 -43.52
CA ALA A 103 -2.46 -31.91 -42.23
C ALA A 103 -1.21 -31.86 -41.36
N ALA A 104 -0.46 -30.76 -41.51
CA ALA A 104 0.72 -30.51 -40.69
C ALA A 104 0.42 -29.41 -39.69
N ALA A 105 1.12 -29.44 -38.56
CA ALA A 105 0.89 -28.43 -37.53
C ALA A 105 2.13 -27.66 -37.12
N PRO A 106 2.96 -27.12 -38.04
CA PRO A 106 4.06 -26.26 -37.60
C PRO A 106 3.74 -24.78 -37.67
N CYS A 107 4.07 -24.04 -36.62
CA CYS A 107 4.23 -22.59 -36.67
C CYS A 107 4.73 -22.05 -35.33
N HIS A 108 5.44 -20.93 -35.38
CA HIS A 108 6.17 -20.37 -34.25
C HIS A 108 6.42 -18.90 -34.54
N SER A 109 6.50 -18.09 -33.49
CA SER A 109 6.64 -16.66 -33.71
C SER A 109 7.21 -15.96 -32.48
N CYS A 110 8.07 -14.96 -32.73
CA CYS A 110 8.49 -13.96 -31.75
C CYS A 110 8.37 -12.64 -32.50
N ASN A 111 7.17 -12.04 -32.47
CA ASN A 111 6.76 -11.06 -33.46
C ASN A 111 7.17 -9.65 -33.03
N LEU A 112 7.94 -8.98 -33.90
CA LEU A 112 8.15 -7.53 -33.86
C LEU A 112 8.92 -7.06 -32.64
N LEU A 113 9.15 -7.95 -31.66
CA LEU A 113 9.98 -7.61 -30.50
C LEU A 113 10.83 -8.84 -30.19
N ASP A 114 11.98 -8.94 -30.85
CA ASP A 114 12.91 -10.01 -30.54
C ASP A 114 14.28 -9.47 -30.14
N ASP A 115 14.89 -8.67 -31.02
CA ASP A 115 16.23 -8.16 -30.74
C ASP A 115 16.47 -6.75 -31.23
N SER A 116 15.47 -6.05 -31.78
CA SER A 116 15.67 -4.66 -32.18
C SER A 116 16.02 -3.80 -30.98
N ALA A 117 15.43 -4.10 -29.82
CA ALA A 117 15.85 -3.56 -28.53
C ALA A 117 15.85 -2.03 -28.46
N LEU A 118 17.03 -1.45 -28.24
CA LEU A 118 17.15 -0.05 -27.84
C LEU A 118 16.46 0.94 -28.78
N PRO A 119 16.51 0.78 -30.12
CA PRO A 119 15.76 1.71 -30.99
C PRO A 119 14.32 1.97 -30.58
N PHE A 120 13.74 1.12 -29.75
CA PHE A 120 12.34 1.23 -29.38
C PHE A 120 12.06 1.22 -27.88
N PHE A 121 12.91 0.61 -27.05
CA PHE A 121 12.62 0.47 -25.63
C PHE A 121 13.58 1.25 -24.74
N ILE A 122 14.89 0.99 -24.86
CA ILE A 122 15.84 1.66 -23.99
C ILE A 122 15.86 3.16 -24.26
N LEU A 123 15.84 3.56 -25.54
CA LEU A 123 15.68 4.97 -25.85
C LEU A 123 14.36 5.50 -25.32
N THR A 124 13.28 4.72 -25.48
CA THR A 124 11.99 5.11 -24.93
C THR A 124 12.04 5.22 -23.42
N SER A 125 12.69 4.25 -22.75
CA SER A 125 12.76 4.28 -21.29
C SER A 125 13.53 5.49 -20.80
N VAL A 126 14.66 5.80 -21.43
CA VAL A 126 15.47 6.95 -21.02
C VAL A 126 14.72 8.25 -21.27
N LEU A 127 14.10 8.37 -22.44
CA LEU A 127 13.32 9.59 -22.73
C LEU A 127 12.14 9.73 -21.78
N GLY A 128 11.53 8.62 -21.38
CA GLY A 128 10.45 8.65 -20.42
C GLY A 128 10.90 9.05 -19.04
N ILE A 129 12.05 8.55 -18.58
CA ILE A 129 12.55 8.96 -17.28
C ILE A 129 12.91 10.44 -17.31
N LEU A 130 13.45 10.91 -18.42
CA LEU A 130 13.76 12.34 -18.57
C LEU A 130 12.48 13.19 -18.51
N ALA A 131 11.47 12.82 -19.30
CA ALA A 131 10.24 13.58 -19.32
C ALA A 131 9.51 13.53 -17.97
N SER A 132 9.50 12.37 -17.33
CA SER A 132 8.82 12.24 -16.05
C SER A 132 9.54 13.00 -14.94
N SER A 133 10.88 12.95 -14.93
CA SER A 133 11.63 13.78 -13.99
C SER A 133 11.39 15.26 -14.26
N THR A 134 11.26 15.64 -15.53
CA THR A 134 10.98 17.04 -15.86
C THR A 134 9.62 17.47 -15.29
N VAL A 135 8.57 16.69 -15.58
CA VAL A 135 7.24 17.06 -15.11
C VAL A 135 7.05 16.83 -13.62
N LEU A 136 7.97 16.12 -12.97
CA LEU A 136 7.92 15.92 -11.52
C LEU A 136 8.66 17.03 -10.79
N PHE A 137 9.83 17.42 -11.28
CA PHE A 137 10.61 18.49 -10.68
C PHE A 137 10.13 19.87 -11.10
N MET A 138 9.25 19.97 -12.10
CA MET A 138 8.61 21.24 -12.38
C MET A 138 7.52 21.56 -11.37
N LEU A 139 6.81 20.52 -10.89
CA LEU A 139 5.84 20.73 -9.81
C LEU A 139 6.54 21.01 -8.50
N PHE A 140 7.69 20.38 -8.26
CA PHE A 140 8.47 20.64 -7.05
C PHE A 140 9.25 21.95 -7.13
N ARG A 141 9.27 22.61 -8.29
CA ARG A 141 9.93 23.91 -8.46
C ARG A 141 8.96 24.87 -9.13
N PRO A 142 7.98 25.39 -8.38
CA PRO A 142 7.01 26.35 -8.92
C PRO A 142 7.59 27.76 -8.98
N ARG A 145 1.49 29.22 -11.35
CA ARG A 145 0.67 28.66 -12.42
C ARG A 145 0.73 27.14 -12.44
N TRP A 146 1.83 26.58 -11.94
CA TRP A 146 1.98 25.13 -11.87
C TRP A 146 1.61 24.55 -10.52
N GLN A 147 1.21 25.37 -9.56
CA GLN A 147 0.72 24.90 -8.26
C GLN A 147 -0.78 25.07 -8.12
N LEU A 148 -1.51 25.15 -9.24
CA LEU A 148 -2.93 25.41 -9.24
C LEU A 148 -3.76 24.22 -9.72
N CYS A 149 -3.19 23.03 -9.74
CA CYS A 149 -3.90 21.85 -10.25
C CYS A 149 -4.97 21.41 -9.25
N PRO A 150 -6.24 21.32 -9.67
CA PRO A 150 -7.27 20.75 -8.78
C PRO A 150 -7.00 19.27 -8.55
N GLY A 151 -6.95 18.87 -7.29
CA GLY A 151 -6.49 17.52 -6.98
C GLY A 151 -5.05 17.31 -7.41
N TRP A 152 -4.18 18.28 -7.10
CA TRP A 152 -2.82 18.24 -7.61
C TRP A 152 -2.01 17.00 -7.22
N PRO A 153 -2.04 16.49 -5.97
CA PRO A 153 -1.17 15.34 -5.67
C PRO A 153 -1.59 14.06 -6.34
N VAL A 154 -2.86 13.91 -6.74
CA VAL A 154 -3.27 12.76 -7.54
C VAL A 154 -2.55 12.76 -8.88
N LEU A 155 -2.52 13.93 -9.54
CA LEU A 155 -1.80 14.04 -10.80
C LEU A 155 -0.29 13.91 -10.60
N ALA A 156 0.24 14.43 -9.49
CA ALA A 156 1.66 14.28 -9.22
C ALA A 156 2.03 12.80 -9.06
N GLN A 157 1.17 12.03 -8.39
CA GLN A 157 1.40 10.60 -8.29
C GLN A 157 1.19 9.90 -9.62
N LEU A 158 0.30 10.42 -10.48
CA LEU A 158 0.16 9.87 -11.82
C LEU A 158 1.45 10.05 -12.62
N ALA A 159 2.14 11.17 -12.41
CA ALA A 159 3.46 11.38 -13.02
C ALA A 159 4.55 10.51 -12.38
N VAL A 160 4.50 10.34 -11.05
CA VAL A 160 5.50 9.53 -10.37
C VAL A 160 5.40 8.08 -10.79
N GLY A 161 4.18 7.58 -10.98
CA GLY A 161 4.01 6.23 -11.48
C GLY A 161 4.63 6.05 -12.86
N SER A 162 4.45 7.05 -13.73
CA SER A 162 5.09 7.01 -15.04
C SER A 162 6.61 7.05 -14.91
N ALA A 163 7.13 7.80 -13.94
CA ALA A 163 8.57 7.82 -13.71
C ALA A 163 9.08 6.45 -13.29
N LEU A 164 8.38 5.78 -12.37
CA LEU A 164 8.78 4.43 -11.97
C LEU A 164 8.70 3.47 -13.15
N PHE A 165 7.64 3.58 -13.96
CA PHE A 165 7.52 2.72 -15.13
C PHE A 165 8.65 2.95 -16.11
N SER A 166 9.04 4.21 -16.31
CA SER A 166 10.16 4.52 -17.20
C SER A 166 11.45 3.96 -16.65
N ILE A 167 11.65 4.05 -15.33
CA ILE A 167 12.87 3.53 -14.73
C ILE A 167 12.93 2.01 -14.85
N VAL A 168 11.77 1.34 -14.88
CA VAL A 168 11.77 -0.12 -14.88
C VAL A 168 11.66 -0.73 -16.28
N VAL A 169 11.22 0.03 -17.28
CA VAL A 169 11.06 -0.53 -18.63
C VAL A 169 12.30 -1.30 -19.10
N PRO A 170 13.53 -0.77 -19.00
CA PRO A 170 14.68 -1.55 -19.46
C PRO A 170 14.92 -2.84 -18.69
N VAL A 171 14.39 -2.96 -17.46
CA VAL A 171 14.60 -4.18 -16.70
C VAL A 171 13.91 -5.36 -17.38
N LEU A 172 12.67 -5.16 -17.83
CA LEU A 172 11.91 -6.21 -18.48
C LEU A 172 11.99 -6.16 -20.01
N ALA A 173 12.70 -5.19 -20.57
CA ALA A 173 12.75 -5.07 -22.02
C ALA A 173 13.69 -6.10 -22.62
N PRO A 174 13.42 -6.54 -23.85
CA PRO A 174 14.36 -7.43 -24.54
C PRO A 174 15.54 -6.66 -25.10
N GLY A 175 16.65 -7.37 -25.28
CA GLY A 175 17.87 -6.80 -25.79
C GLY A 175 18.90 -6.43 -24.73
N LEU A 176 18.50 -6.40 -23.46
CA LEU A 176 19.41 -6.12 -22.37
C LEU A 176 20.14 -7.40 -21.98
N GLY A 177 20.88 -7.35 -20.86
CA GLY A 177 21.66 -8.49 -20.39
C GLY A 177 20.82 -9.71 -20.10
N SER A 178 21.26 -10.86 -20.61
CA SER A 178 20.55 -12.11 -20.40
C SER A 178 20.86 -12.63 -19.00
N THR A 179 20.43 -13.87 -18.72
CA THR A 179 20.58 -14.48 -17.41
C THR A 179 20.01 -13.58 -16.31
N ARG A 180 18.87 -12.96 -16.60
CA ARG A 180 18.24 -12.08 -15.64
C ARG A 180 17.72 -12.87 -14.45
N SER A 181 18.02 -12.39 -13.24
CA SER A 181 17.55 -13.05 -12.04
C SER A 181 16.02 -13.06 -12.01
N SER A 182 15.46 -14.17 -11.54
CA SER A 182 14.01 -14.25 -11.38
C SER A 182 13.50 -13.17 -10.45
N ALA A 183 14.29 -12.78 -9.45
CA ALA A 183 13.91 -11.68 -8.58
C ALA A 183 13.89 -10.36 -9.35
N LEU A 184 14.83 -10.17 -10.27
CA LEU A 184 14.85 -8.94 -11.07
C LEU A 184 13.58 -8.80 -11.91
N CYS A 185 13.22 -9.86 -12.63
CA CYS A 185 12.00 -9.82 -13.43
C CYS A 185 10.76 -9.70 -12.55
N SER A 186 10.74 -10.37 -11.40
CA SER A 186 9.60 -10.26 -10.50
C SER A 186 9.43 -8.83 -10.02
N LEU A 187 10.53 -8.18 -9.63
CA LEU A 187 10.47 -6.79 -9.19
C LEU A 187 10.04 -5.88 -10.33
N GLY A 188 10.58 -6.12 -11.53
CA GLY A 188 10.19 -5.30 -12.67
C GLY A 188 8.71 -5.39 -12.97
N TYR A 189 8.17 -6.61 -13.02
CA TYR A 189 6.74 -6.78 -13.25
C TYR A 189 5.93 -6.17 -12.12
N CYS A 190 6.38 -6.35 -10.88
CA CYS A 190 5.65 -5.80 -9.74
C CYS A 190 5.50 -4.30 -9.85
N VAL A 191 6.61 -3.58 -10.04
CA VAL A 191 6.51 -2.13 -10.10
C VAL A 191 5.81 -1.67 -11.38
N TRP A 192 6.03 -2.36 -12.50
CA TRP A 192 5.36 -2.03 -13.76
C TRP A 192 3.85 -2.10 -13.61
N TYR A 193 3.33 -3.27 -13.27
CA TYR A 193 1.89 -3.42 -13.15
C TYR A 193 1.32 -2.67 -11.96
N GLY A 194 2.13 -2.43 -10.91
CA GLY A 194 1.64 -1.62 -9.81
C GLY A 194 1.46 -0.17 -10.21
N SER A 195 2.40 0.38 -10.98
CA SER A 195 2.24 1.73 -11.50
C SER A 195 1.05 1.80 -12.44
N ALA A 196 0.87 0.78 -13.28
CA ALA A 196 -0.31 0.74 -14.14
C ALA A 196 -1.60 0.75 -13.31
N PHE A 197 -1.67 -0.12 -12.30
CA PHE A 197 -2.86 -0.20 -11.46
C PHE A 197 -3.10 1.12 -10.74
N ALA A 198 -2.05 1.74 -10.20
CA ALA A 198 -2.20 2.98 -9.45
C ALA A 198 -2.65 4.12 -10.36
N GLN A 199 -2.08 4.22 -11.55
CA GLN A 199 -2.52 5.25 -12.48
C GLN A 199 -3.96 4.99 -12.94
N ALA A 200 -4.38 3.73 -13.00
CA ALA A 200 -5.75 3.43 -13.38
C ALA A 200 -6.73 3.78 -12.27
N LEU A 201 -6.25 3.55 -11.03
CA LEU A 201 -7.12 3.53 -9.83
C LEU A 201 -7.30 4.92 -9.32
N LEU A 202 -6.30 5.78 -9.66
CA LEU A 202 -6.26 7.21 -9.19
C LEU A 202 -6.99 8.00 -10.21
N LEU A 203 -6.78 7.60 -11.44
CA LEU A 203 -7.68 8.09 -12.48
C LEU A 203 -9.14 7.86 -12.12
N GLY A 204 -9.46 6.67 -11.63
CA GLY A 204 -10.85 6.36 -11.31
C GLY A 204 -11.40 7.22 -10.18
N CYS A 205 -10.64 7.34 -9.10
CA CYS A 205 -11.08 8.16 -7.97
C CYS A 205 -11.20 9.62 -8.36
N HIS A 206 -10.27 10.11 -9.18
CA HIS A 206 -10.37 11.49 -9.66
C HIS A 206 -11.57 11.66 -10.57
N ALA A 207 -11.94 10.62 -11.34
CA ALA A 207 -13.12 10.68 -12.18
C ALA A 207 -14.41 10.59 -11.37
N SER A 208 -14.34 10.06 -10.15
CA SER A 208 -15.51 10.03 -9.27
C SER A 208 -15.51 11.14 -8.23
N LEU A 209 -14.35 11.65 -7.85
CA LEU A 209 -14.21 12.70 -6.84
C LEU A 209 -13.49 13.92 -7.41
N GLY A 210 -13.89 14.36 -8.60
CA GLY A 210 -13.24 15.49 -9.22
C GLY A 210 -13.53 16.81 -8.53
N HIS A 211 -14.80 17.20 -8.51
CA HIS A 211 -15.18 18.45 -7.87
C HIS A 211 -15.01 18.37 -6.35
N ARG A 212 -15.33 17.23 -5.75
CA ARG A 212 -15.21 17.05 -4.32
C ARG A 212 -13.75 16.98 -3.89
N VAL A 218 -12.23 17.68 4.37
CA VAL A 218 -11.38 17.05 5.38
C VAL A 218 -9.91 17.15 4.96
N PRO A 219 -9.03 17.40 5.93
CA PRO A 219 -7.60 17.46 5.59
C PRO A 219 -7.05 16.17 5.02
N GLY A 220 -7.61 15.03 5.40
CA GLY A 220 -7.14 13.75 4.91
C GLY A 220 -7.68 13.33 3.57
N LEU A 221 -8.46 14.18 2.91
CA LEU A 221 -9.01 13.84 1.60
C LEU A 221 -7.92 13.68 0.55
N THR A 222 -6.76 14.31 0.75
CA THR A 222 -5.64 14.16 -0.17
C THR A 222 -4.74 12.98 0.23
N LEU A 223 -4.32 12.92 1.50
CA LEU A 223 -3.45 11.83 1.92
C LEU A 223 -4.21 10.53 2.09
N GLY A 224 -5.44 10.58 2.63
CA GLY A 224 -6.21 9.35 2.77
C GLY A 224 -6.50 8.69 1.44
N LEU A 225 -6.94 9.50 0.47
CA LEU A 225 -7.25 8.95 -0.85
C LEU A 225 -6.00 8.35 -1.49
N THR A 226 -4.88 9.05 -1.42
CA THR A 226 -3.68 8.55 -2.09
C THR A 226 -3.12 7.32 -1.39
N VAL A 227 -3.19 7.27 -0.06
CA VAL A 227 -2.67 6.10 0.65
C VAL A 227 -3.57 4.90 0.40
N GLY A 228 -4.88 5.11 0.34
CA GLY A 228 -5.77 4.01 0.00
C GLY A 228 -5.58 3.52 -1.42
N ILE A 229 -5.39 4.45 -2.36
CA ILE A 229 -5.19 4.08 -3.76
C ILE A 229 -3.88 3.32 -3.92
N TRP A 230 -2.80 3.74 -3.40
CA TRP A 230 -1.65 2.84 -3.59
C TRP A 230 -1.96 1.57 -2.85
N GLY A 231 -2.34 1.62 -1.57
CA GLY A 231 -2.49 0.33 -0.93
C GLY A 231 -3.26 -0.67 -1.75
N VAL A 232 -4.37 -0.23 -2.35
CA VAL A 232 -5.17 -1.16 -3.16
C VAL A 232 -4.45 -1.50 -4.45
N ALA A 233 -3.68 -0.56 -5.01
CA ALA A 233 -2.88 -0.87 -6.19
C ALA A 233 -1.77 -1.86 -5.85
N ALA A 234 -1.11 -1.68 -4.71
CA ALA A 234 -0.08 -2.59 -4.28
C ALA A 234 -0.64 -3.96 -3.92
N LEU A 235 -1.90 -4.02 -3.48
CA LEU A 235 -2.53 -5.30 -3.21
C LEU A 235 -2.95 -5.99 -4.51
N LEU A 236 -3.40 -5.22 -5.50
CA LEU A 236 -3.85 -5.81 -6.76
C LEU A 236 -2.71 -6.40 -7.57
N THR A 237 -1.47 -5.97 -7.33
CA THR A 237 -0.32 -6.53 -8.03
C THR A 237 0.30 -7.70 -7.30
N LEU A 238 -0.31 -8.19 -6.23
CA LEU A 238 0.15 -9.39 -5.54
C LEU A 238 0.20 -10.59 -6.48
N PRO A 239 -0.87 -10.87 -7.26
CA PRO A 239 -0.81 -12.06 -8.11
C PRO A 239 0.28 -12.01 -9.17
N VAL A 240 0.48 -10.87 -9.82
CA VAL A 240 1.46 -10.81 -10.90
C VAL A 240 2.87 -10.96 -10.36
N THR A 241 3.19 -10.32 -9.23
CA THR A 241 4.53 -10.49 -8.69
C THR A 241 4.73 -11.86 -8.08
N LEU A 242 3.66 -12.47 -7.55
CA LEU A 242 3.76 -13.85 -7.09
C LEU A 242 3.86 -14.82 -8.27
N ALA A 243 3.04 -14.62 -9.29
CA ALA A 243 3.10 -15.43 -10.51
C ALA A 243 3.92 -14.71 -11.56
N SER A 244 5.23 -14.67 -11.31
CA SER A 244 6.18 -14.00 -12.20
C SER A 244 7.44 -14.85 -12.30
N GLY A 245 8.30 -14.49 -13.24
CA GLY A 245 9.57 -15.17 -13.37
C GLY A 245 10.24 -14.80 -14.68
N ALA A 246 11.39 -15.43 -14.89
CA ALA A 246 12.17 -15.29 -16.13
C ALA A 246 12.66 -16.68 -16.52
N SER A 247 11.89 -17.38 -17.34
CA SER A 247 12.29 -18.69 -17.83
C SER A 247 13.05 -18.53 -19.13
N GLY A 248 14.29 -19.01 -19.16
CA GLY A 248 15.12 -18.92 -20.34
C GLY A 248 15.84 -17.60 -20.52
N GLY A 249 15.65 -16.63 -19.62
CA GLY A 249 16.33 -15.36 -19.69
C GLY A 249 15.44 -14.18 -20.02
N LEU A 250 14.15 -14.39 -20.30
CA LEU A 250 13.24 -13.32 -20.65
C LEU A 250 12.14 -13.19 -19.60
N CYS A 251 11.80 -11.95 -19.25
CA CYS A 251 10.69 -11.68 -18.34
C CYS A 251 9.41 -12.28 -18.90
N THR A 252 8.81 -13.22 -18.17
CA THR A 252 7.62 -13.91 -18.63
C THR A 252 6.63 -14.08 -17.50
N LEU A 253 5.36 -13.83 -17.79
CA LEU A 253 4.29 -14.12 -16.83
C LEU A 253 4.09 -15.62 -16.73
N ILE A 254 3.80 -16.09 -15.51
CA ILE A 254 3.67 -17.52 -15.25
C ILE A 254 2.21 -17.91 -15.52
N TYR A 255 2.01 -18.75 -16.53
CA TYR A 255 0.68 -19.24 -16.91
C TYR A 255 0.76 -20.75 -17.05
N SER A 256 0.54 -21.45 -15.95
CA SER A 256 0.58 -22.91 -15.93
C SER A 256 -0.30 -23.43 -14.80
N THR A 257 -0.61 -24.73 -14.86
CA THR A 257 -1.41 -25.34 -13.80
C THR A 257 -0.71 -25.28 -12.45
N GLU A 258 0.62 -25.21 -12.45
CA GLU A 258 1.34 -25.07 -11.19
C GLU A 258 1.00 -23.75 -10.49
N LEU A 259 0.72 -22.70 -11.27
CA LEU A 259 0.36 -21.40 -10.74
C LEU A 259 -0.97 -20.95 -11.32
N LYS A 260 -1.88 -21.91 -11.51
CA LYS A 260 -3.13 -21.63 -12.21
C LYS A 260 -3.99 -20.61 -11.46
N ALA A 261 -4.12 -20.77 -10.15
CA ALA A 261 -4.98 -19.88 -9.37
C ALA A 261 -4.44 -18.45 -9.38
N LEU A 262 -3.12 -18.29 -9.19
CA LEU A 262 -2.55 -16.95 -9.18
C LEU A 262 -2.69 -16.28 -10.54
N GLN A 263 -2.44 -17.02 -11.61
CA GLN A 263 -2.62 -16.46 -12.95
C GLN A 263 -4.07 -16.10 -13.23
N ALA A 264 -5.01 -16.93 -12.79
CA ALA A 264 -6.43 -16.62 -12.97
C ALA A 264 -6.80 -15.34 -12.23
N THR A 265 -6.33 -15.20 -10.98
CA THR A 265 -6.59 -13.99 -10.23
C THR A 265 -5.98 -12.78 -10.92
N HIS A 266 -4.75 -12.93 -11.41
CA HIS A 266 -4.06 -11.82 -12.07
C HIS A 266 -4.83 -11.37 -13.31
N THR A 267 -5.27 -12.33 -14.12
CA THR A 267 -5.95 -11.94 -15.35
C THR A 267 -7.32 -11.36 -15.09
N VAL A 268 -8.06 -11.86 -14.09
CA VAL A 268 -9.35 -11.25 -13.83
C VAL A 268 -9.16 -9.84 -13.27
N ALA A 269 -8.16 -9.63 -12.42
CA ALA A 269 -7.91 -8.29 -11.90
C ALA A 269 -7.51 -7.33 -13.01
N CYS A 270 -6.59 -7.77 -13.89
CA CYS A 270 -6.16 -6.92 -14.98
C CYS A 270 -7.31 -6.62 -15.92
N LEU A 271 -8.11 -7.63 -16.27
CA LEU A 271 -9.27 -7.42 -17.12
C LEU A 271 -10.22 -6.42 -16.49
N ALA A 272 -10.57 -6.62 -15.22
CA ALA A 272 -11.47 -5.68 -14.54
C ALA A 272 -10.93 -4.26 -14.64
N ILE A 273 -9.73 -4.03 -14.10
CA ILE A 273 -9.25 -2.67 -13.93
C ILE A 273 -8.90 -2.02 -15.27
N PHE A 274 -8.62 -2.80 -16.32
CA PHE A 274 -8.14 -2.22 -17.56
C PHE A 274 -9.19 -2.14 -18.66
N VAL A 275 -10.11 -3.09 -18.75
CA VAL A 275 -11.19 -3.01 -19.74
C VAL A 275 -12.57 -3.04 -19.12
N LEU A 276 -12.76 -3.67 -17.95
CA LEU A 276 -14.07 -3.63 -17.32
C LEU A 276 -14.26 -2.40 -16.45
N LEU A 277 -13.18 -1.87 -15.88
CA LEU A 277 -13.28 -0.59 -15.17
C LEU A 277 -13.64 0.56 -16.11
N PRO A 278 -12.98 0.75 -17.27
CA PRO A 278 -13.46 1.79 -18.19
C PRO A 278 -14.81 1.48 -18.79
N LEU A 279 -15.08 0.22 -19.13
CA LEU A 279 -16.40 -0.16 -19.58
C LEU A 279 -17.42 0.01 -18.46
N GLY A 280 -17.03 -0.30 -17.22
CA GLY A 280 -17.90 -0.06 -16.09
C GLY A 280 -18.23 1.40 -15.92
N LEU A 281 -17.24 2.28 -16.12
CA LEU A 281 -17.53 3.71 -16.13
C LEU A 281 -18.41 4.09 -17.31
N PHE A 282 -18.30 3.37 -18.42
CA PHE A 282 -19.11 3.64 -19.60
C PHE A 282 -20.58 3.30 -19.39
N GLY A 283 -20.91 2.59 -18.32
CA GLY A 283 -22.30 2.33 -17.99
C GLY A 283 -22.99 3.44 -17.24
N ALA A 284 -22.27 4.53 -16.96
CA ALA A 284 -22.85 5.66 -16.23
C ALA A 284 -23.86 6.36 -17.11
N LYS A 285 -25.14 6.28 -16.73
CA LYS A 285 -26.21 6.91 -17.50
C LYS A 285 -27.13 7.71 -16.58
N GLY A 296 -21.91 17.80 -19.62
CA GLY A 296 -21.82 16.97 -18.43
C GLY A 296 -20.40 16.79 -17.94
N PRO A 297 -20.24 16.56 -16.63
CA PRO A 297 -18.90 16.39 -16.05
C PRO A 297 -18.31 15.00 -16.33
N TRP A 298 -18.17 14.67 -17.60
CA TRP A 298 -17.60 13.40 -18.04
C TRP A 298 -16.64 13.62 -19.20
N MET A 299 -15.92 14.75 -19.19
CA MET A 299 -15.00 15.04 -20.27
C MET A 299 -13.88 14.01 -20.33
N ASN A 300 -13.22 13.76 -19.20
CA ASN A 300 -12.23 12.69 -19.06
C ASN A 300 -11.17 12.77 -20.15
N ILE A 301 -10.42 13.87 -20.15
CA ILE A 301 -9.39 14.11 -21.16
C ILE A 301 -8.22 13.18 -20.92
N LEU A 302 -8.30 12.36 -19.87
CA LEU A 302 -7.31 11.33 -19.57
C LEU A 302 -7.83 9.94 -19.89
N TRP A 303 -8.86 9.84 -20.74
CA TRP A 303 -9.34 8.54 -21.18
C TRP A 303 -8.36 7.88 -22.16
N ALA A 304 -7.44 8.65 -22.73
CA ALA A 304 -6.42 8.08 -23.61
C ALA A 304 -5.55 7.06 -22.88
N TRP A 305 -5.43 7.19 -21.55
CA TRP A 305 -4.67 6.21 -20.79
C TRP A 305 -5.33 4.83 -20.86
N PHE A 306 -6.65 4.77 -20.62
CA PHE A 306 -7.34 3.51 -20.75
C PHE A 306 -7.52 3.08 -22.20
N ILE A 307 -7.48 4.02 -23.15
CA ILE A 307 -7.41 3.63 -24.56
C ILE A 307 -6.09 2.91 -24.82
N PHE A 308 -5.01 3.38 -24.20
CA PHE A 308 -3.72 2.69 -24.29
C PHE A 308 -3.81 1.30 -23.68
N TRP A 309 -4.47 1.17 -22.53
CA TRP A 309 -4.39 -0.05 -21.74
C TRP A 309 -5.48 -1.08 -22.04
N TRP A 310 -6.58 -0.71 -22.72
CA TRP A 310 -7.63 -1.69 -22.99
C TRP A 310 -7.16 -2.80 -23.93
N PRO A 311 -6.45 -2.52 -25.04
CA PRO A 311 -5.91 -3.62 -25.85
C PRO A 311 -5.13 -4.64 -25.03
N HIS A 312 -4.32 -4.17 -24.09
CA HIS A 312 -3.55 -5.10 -23.27
C HIS A 312 -4.47 -5.99 -22.44
N GLY A 313 -5.51 -5.42 -21.83
CA GLY A 313 -6.41 -6.22 -21.02
C GLY A 313 -7.18 -7.24 -21.84
N VAL A 314 -7.73 -6.82 -22.97
CA VAL A 314 -8.52 -7.74 -23.79
C VAL A 314 -7.63 -8.83 -24.37
N VAL A 315 -6.39 -8.48 -24.76
CA VAL A 315 -5.49 -9.49 -25.29
C VAL A 315 -5.06 -10.45 -24.20
N LEU A 316 -4.87 -9.95 -22.97
CA LEU A 316 -4.58 -10.85 -21.86
C LEU A 316 -5.74 -11.82 -21.60
N GLY A 317 -6.98 -11.32 -21.68
CA GLY A 317 -8.12 -12.22 -21.52
C GLY A 317 -8.21 -13.26 -22.63
N LEU A 318 -7.95 -12.83 -23.86
CA LEU A 318 -7.96 -13.77 -24.99
C LEU A 318 -6.86 -14.80 -24.86
N ASP A 319 -5.67 -14.40 -24.41
CA ASP A 319 -4.59 -15.36 -24.22
C ASP A 319 -4.85 -16.30 -23.05
N PHE A 320 -5.53 -15.81 -22.00
CA PHE A 320 -5.95 -16.68 -20.92
C PHE A 320 -6.95 -17.72 -21.41
N LEU A 321 -7.88 -17.30 -22.27
CA LEU A 321 -8.84 -18.24 -22.84
C LEU A 321 -8.13 -19.25 -23.75
N VAL A 322 -7.17 -18.79 -24.55
CA VAL A 322 -6.51 -19.68 -25.51
C VAL A 322 -5.62 -20.68 -24.79
N ARG A 323 -4.87 -20.23 -23.77
CA ARG A 323 -4.00 -21.14 -23.03
C ARG A 323 -4.82 -22.19 -22.28
N SER A 324 -5.95 -21.79 -21.71
CA SER A 324 -6.84 -22.74 -21.06
C SER A 324 -7.59 -23.61 -22.06
N LYS A 325 -7.41 -23.38 -23.35
CA LYS A 325 -8.06 -24.16 -24.41
C LYS A 325 -9.59 -24.08 -24.30
N LEU A 326 -10.08 -22.90 -23.93
CA LEU A 326 -11.51 -22.64 -23.83
C LEU A 326 -12.00 -21.67 -24.89
N LEU A 327 -11.35 -21.64 -26.04
CA LEU A 327 -11.73 -20.71 -27.10
C LEU A 327 -11.79 -21.41 -28.46
N LEU A 328 -11.96 -20.65 -29.53
CA LEU A 328 -12.23 -21.22 -30.84
C LEU A 328 -11.17 -20.85 -31.88
N LEU A 329 -9.90 -20.93 -31.51
CA LEU A 329 -8.82 -20.70 -32.46
C LEU A 329 -8.78 -21.85 -33.47
N SER A 330 -9.23 -21.58 -34.69
CA SER A 330 -9.43 -22.64 -35.68
C SER A 330 -8.21 -22.93 -36.53
N THR A 331 -7.48 -21.91 -36.95
CA THR A 331 -6.32 -22.07 -37.82
C THR A 331 -5.09 -21.45 -37.16
N CYS A 332 -3.92 -21.80 -37.67
CA CYS A 332 -2.69 -21.18 -37.17
C CYS A 332 -2.67 -19.68 -37.41
N LEU A 333 -3.47 -19.18 -38.35
CA LEU A 333 -3.60 -17.73 -38.48
C LEU A 333 -4.08 -17.11 -37.17
N ALA A 334 -4.95 -17.81 -36.43
CA ALA A 334 -5.39 -17.32 -35.13
C ALA A 334 -4.22 -17.22 -34.15
N GLN A 335 -3.37 -18.26 -34.11
CA GLN A 335 -2.22 -18.22 -33.21
C GLN A 335 -1.24 -17.12 -33.60
N GLN A 336 -0.97 -16.97 -34.90
CA GLN A 336 -0.07 -15.93 -35.36
C GLN A 336 -0.61 -14.54 -35.00
N ALA A 337 -1.89 -14.31 -35.23
CA ALA A 337 -2.48 -13.02 -34.87
C ALA A 337 -2.51 -12.83 -33.36
N LEU A 338 -2.69 -13.90 -32.59
CA LEU A 338 -2.67 -13.77 -31.14
C LEU A 338 -1.29 -13.33 -30.65
N ASP A 339 -0.23 -13.95 -31.16
CA ASP A 339 1.11 -13.54 -30.76
C ASP A 339 1.43 -12.12 -31.24
N LEU A 340 1.01 -11.79 -32.46
CA LEU A 340 1.24 -10.46 -33.00
C LEU A 340 0.55 -9.40 -32.15
N LEU A 341 -0.71 -9.63 -31.78
CA LEU A 341 -1.43 -8.68 -30.94
C LEU A 341 -0.89 -8.65 -29.52
N LEU A 342 -0.38 -9.78 -29.03
CA LEU A 342 0.28 -9.80 -27.73
C LEU A 342 1.48 -8.86 -27.71
N ASN A 343 2.37 -9.01 -28.68
CA ASN A 343 3.56 -8.17 -28.73
C ASN A 343 3.19 -6.70 -29.01
N LEU A 344 2.19 -6.47 -29.87
CA LEU A 344 1.74 -5.11 -30.11
C LEU A 344 1.16 -4.49 -28.84
N ALA A 345 0.42 -5.25 -28.04
CA ALA A 345 -0.09 -4.74 -26.79
C ALA A 345 1.03 -4.42 -25.81
N GLU A 346 2.05 -5.28 -25.76
CA GLU A 346 3.19 -4.97 -24.91
C GLU A 346 3.86 -3.67 -25.32
N ALA A 347 4.05 -3.46 -26.62
CA ALA A 347 4.69 -2.23 -27.08
C ALA A 347 3.82 -1.01 -26.78
N LEU A 348 2.52 -1.11 -27.04
CA LEU A 348 1.62 0.02 -26.83
C LEU A 348 1.46 0.34 -25.35
N ALA A 349 1.60 -0.67 -24.48
CA ALA A 349 1.58 -0.41 -23.05
C ALA A 349 2.88 0.22 -22.58
N ILE A 350 4.01 -0.27 -23.09
CA ILE A 350 5.30 0.29 -22.72
C ILE A 350 5.43 1.74 -23.16
N LEU A 351 4.77 2.14 -24.25
CA LEU A 351 4.83 3.53 -24.68
C LEU A 351 4.15 4.49 -23.71
N HIS A 352 3.39 3.98 -22.73
CA HIS A 352 2.70 4.87 -21.79
C HIS A 352 3.70 5.70 -20.98
N CYS A 353 4.88 5.16 -20.71
CA CYS A 353 5.86 5.87 -19.89
C CYS A 353 6.23 7.22 -20.50
N VAL A 354 6.43 7.25 -21.82
CA VAL A 354 6.65 8.52 -22.49
C VAL A 354 5.34 9.22 -22.82
N ALA A 355 4.22 8.50 -22.85
CA ALA A 355 2.96 9.13 -23.22
C ALA A 355 2.41 10.05 -22.13
N THR A 356 2.42 9.60 -20.88
CA THR A 356 1.65 10.31 -19.84
C THR A 356 2.09 11.75 -19.60
N PRO A 357 3.39 12.10 -19.49
CA PRO A 357 3.73 13.48 -19.08
C PRO A 357 3.12 14.57 -19.94
N LEU A 358 3.04 14.36 -21.26
CA LEU A 358 2.37 15.34 -22.12
C LEU A 358 0.90 15.44 -21.77
N LEU A 359 0.24 14.32 -21.50
CA LEU A 359 -1.15 14.35 -21.10
C LEU A 359 -1.35 15.07 -19.77
N LEU A 360 -0.38 14.94 -18.86
CA LEU A 360 -0.48 15.65 -17.60
C LEU A 360 -0.26 17.14 -17.76
N ALA A 361 0.62 17.54 -18.68
CA ALA A 361 0.72 18.96 -19.02
C ALA A 361 -0.58 19.47 -19.61
N LEU A 362 -1.23 18.67 -20.46
CA LEU A 362 -2.53 19.05 -21.00
C LEU A 362 -3.56 19.20 -19.90
N PHE A 363 -3.57 18.27 -18.94
CA PHE A 363 -4.51 18.36 -17.82
C PHE A 363 -4.26 19.60 -16.98
N CYS A 364 -2.99 19.93 -16.74
CA CYS A 364 -2.67 21.14 -15.98
C CYS A 364 -3.07 22.40 -16.73
N HIS A 365 -2.98 22.38 -18.06
CA HIS A 365 -3.36 23.55 -18.86
C HIS A 365 -4.84 23.56 -19.22
N GLN A 366 -5.60 22.53 -18.86
CA GLN A 366 -7.01 22.45 -19.20
C GLN A 366 -7.93 23.11 -18.18
N ALA A 367 -7.45 23.35 -16.97
CA ALA A 367 -8.26 24.00 -15.94
C ALA A 367 -8.15 25.51 -16.03
N PRO B 23 30.21 -35.80 -16.44
CA PRO B 23 29.41 -35.89 -15.21
C PRO B 23 29.00 -34.54 -14.65
N PHE B 24 27.71 -34.23 -14.69
CA PHE B 24 27.20 -32.99 -14.10
C PHE B 24 25.74 -33.23 -13.73
N HIS B 25 25.08 -32.17 -13.30
CA HIS B 25 23.68 -32.27 -12.91
C HIS B 25 22.81 -32.64 -14.11
N PRO B 26 21.94 -33.64 -14.00
CA PRO B 26 21.00 -33.96 -15.07
C PRO B 26 19.58 -33.42 -14.87
N LYS B 27 19.35 -32.58 -13.86
CA LYS B 27 17.98 -32.26 -13.45
C LYS B 27 17.40 -31.08 -14.22
N PHE B 28 18.15 -29.99 -14.36
CA PHE B 28 17.60 -28.74 -14.88
C PHE B 28 17.71 -28.63 -16.40
N ILE B 29 17.71 -29.76 -17.10
CA ILE B 29 17.65 -29.76 -18.56
C ILE B 29 16.17 -29.76 -18.95
N LYS B 30 15.77 -28.78 -19.75
CA LYS B 30 14.36 -28.52 -20.02
C LYS B 30 13.87 -29.08 -21.34
N GLU B 31 14.56 -28.80 -22.44
CA GLU B 31 14.10 -29.17 -23.77
C GLU B 31 15.09 -30.14 -24.40
N LEU B 32 14.56 -31.01 -25.26
CA LEU B 32 15.36 -32.02 -25.95
C LEU B 32 14.99 -32.05 -27.43
N ARG B 33 15.90 -32.57 -28.24
CA ARG B 33 15.68 -32.72 -29.66
C ARG B 33 16.57 -33.83 -30.19
N VAL B 34 16.19 -34.39 -31.34
CA VAL B 34 16.94 -35.45 -31.98
C VAL B 34 16.90 -35.25 -33.49
N ILE B 35 18.04 -35.47 -34.14
CA ILE B 35 18.16 -35.33 -35.59
C ILE B 35 18.76 -36.62 -36.14
N GLU B 36 18.10 -37.21 -37.14
CA GLU B 36 18.61 -38.42 -37.76
C GLU B 36 19.86 -38.11 -38.58
N SER B 37 20.80 -39.05 -38.59
CA SER B 37 22.07 -38.88 -39.30
C SER B 37 21.84 -39.00 -40.80
N GLY B 38 21.45 -37.86 -41.39
CA GLY B 38 21.30 -37.78 -42.85
C GLY B 38 22.63 -37.49 -43.49
N PRO B 39 22.71 -37.17 -44.79
CA PRO B 39 24.01 -37.06 -45.41
C PRO B 39 24.80 -35.93 -44.73
N HIS B 40 24.23 -34.72 -44.63
CA HIS B 40 25.03 -33.65 -44.07
C HIS B 40 25.38 -33.91 -42.61
N CYS B 41 24.52 -34.64 -41.89
CA CYS B 41 24.76 -34.96 -40.48
C CYS B 41 25.53 -36.27 -40.43
N ALA B 42 26.84 -36.19 -40.23
CA ALA B 42 27.67 -37.39 -40.12
C ALA B 42 27.38 -38.18 -38.85
N ASN B 43 26.73 -37.58 -37.86
CA ASN B 43 26.38 -38.26 -36.62
C ASN B 43 24.96 -37.92 -36.24
N THR B 44 24.33 -38.80 -35.46
CA THR B 44 22.97 -38.60 -34.98
C THR B 44 23.00 -37.51 -33.92
N GLU B 45 22.80 -36.26 -34.34
CA GLU B 45 22.88 -35.12 -33.44
C GLU B 45 21.58 -34.98 -32.66
N ILE B 46 21.69 -34.99 -31.33
CA ILE B 46 20.56 -34.77 -30.43
C ILE B 46 20.83 -33.51 -29.63
N ILE B 47 19.85 -32.61 -29.58
CA ILE B 47 20.00 -31.30 -28.97
C ILE B 47 19.21 -31.27 -27.66
N VAL B 48 19.87 -30.85 -26.58
CA VAL B 48 19.24 -30.68 -25.28
C VAL B 48 19.52 -29.25 -24.83
N LYS B 49 18.46 -28.48 -24.58
CA LYS B 49 18.57 -27.09 -24.16
C LYS B 49 17.70 -26.84 -22.95
N LEU B 50 18.17 -25.96 -22.08
CA LEU B 50 17.45 -25.65 -20.84
C LEU B 50 16.74 -24.30 -20.94
N ARG B 54 22.48 -22.77 -22.34
CA ARG B 54 23.55 -23.71 -22.65
C ARG B 54 23.02 -24.86 -23.49
N GLU B 55 22.99 -24.67 -24.81
CA GLU B 55 22.56 -25.69 -25.75
C GLU B 55 23.79 -26.22 -26.47
N LEU B 56 24.18 -27.46 -26.16
CA LEU B 56 25.38 -28.06 -26.73
C LEU B 56 25.01 -29.35 -27.45
N CYS B 57 25.62 -29.56 -28.60
CA CYS B 57 25.36 -30.75 -29.40
C CYS B 57 25.91 -32.00 -28.71
N LEU B 58 25.16 -33.09 -28.82
CA LEU B 58 25.64 -34.40 -28.38
C LEU B 58 25.43 -35.40 -29.50
N ASP B 59 26.40 -36.28 -29.70
CA ASP B 59 26.31 -37.28 -30.76
C ASP B 59 25.64 -38.55 -30.26
N GLU B 62 28.46 -43.18 -23.99
CA GLU B 62 29.23 -43.29 -22.75
C GLU B 62 28.40 -43.98 -21.66
N ASN B 63 29.07 -44.35 -20.57
CA ASN B 63 28.38 -44.97 -19.46
C ASN B 63 27.42 -43.99 -18.79
N TRP B 64 27.77 -42.70 -18.81
CA TRP B 64 26.94 -41.66 -18.24
C TRP B 64 26.14 -40.90 -19.29
N VAL B 65 26.38 -41.14 -20.57
CA VAL B 65 25.61 -40.48 -21.62
C VAL B 65 24.18 -41.00 -21.63
N GLN B 66 24.01 -42.30 -21.55
CA GLN B 66 22.69 -42.93 -21.56
C GLN B 66 22.11 -43.10 -20.17
N ARG B 67 22.81 -42.67 -19.12
CA ARG B 67 22.35 -42.85 -17.76
C ARG B 67 21.20 -41.92 -17.40
N VAL B 68 20.89 -40.93 -18.23
CA VAL B 68 19.87 -39.94 -17.91
C VAL B 68 18.64 -40.10 -18.80
N VAL B 69 18.88 -40.48 -20.06
CA VAL B 69 17.92 -40.34 -21.16
C VAL B 69 16.52 -40.78 -20.80
N GLU B 70 16.36 -42.01 -20.32
CA GLU B 70 15.02 -42.57 -20.10
C GLU B 70 14.28 -41.81 -19.00
N LYS B 71 14.95 -41.55 -17.87
CA LYS B 71 14.30 -40.85 -16.77
C LYS B 71 14.01 -39.41 -17.14
N PHE B 72 14.94 -38.75 -17.83
CA PHE B 72 14.74 -37.36 -18.25
C PHE B 72 13.57 -37.25 -19.22
N LEU B 73 13.46 -38.20 -20.15
CA LEU B 73 12.29 -38.22 -21.03
C LEU B 73 11.02 -38.44 -20.21
N LYS B 74 11.10 -39.28 -19.17
CA LYS B 74 9.98 -39.39 -18.24
C LYS B 74 9.88 -38.18 -17.31
N ARG B 75 10.97 -37.44 -17.12
CA ARG B 75 10.97 -36.28 -16.23
C ARG B 75 10.52 -35.02 -16.96
N LEU C 12 5.62 -17.63 -26.96
CA LEU C 12 4.67 -17.75 -25.86
C LEU C 12 3.87 -19.04 -25.97
N ARG C 13 3.94 -19.86 -24.91
CA ARG C 13 3.24 -21.14 -24.82
C ARG C 13 3.75 -22.14 -25.85
N CYS C 14 3.46 -23.41 -25.62
CA CYS C 14 3.82 -24.45 -26.58
C CYS C 14 2.91 -24.37 -27.80
N GLN C 15 3.25 -25.15 -28.82
CA GLN C 15 2.60 -25.04 -30.13
C GLN C 15 2.26 -26.44 -30.64
N CYS C 16 1.95 -26.53 -31.93
CA CYS C 16 1.44 -27.74 -32.57
C CYS C 16 0.10 -28.12 -31.95
N ILE C 17 -0.89 -27.23 -32.07
CA ILE C 17 -2.23 -27.47 -31.57
C ILE C 17 -3.16 -27.98 -32.65
N LYS C 18 -2.63 -28.38 -33.80
CA LYS C 18 -3.45 -28.91 -34.89
C LYS C 18 -3.20 -30.40 -35.03
N THR C 19 -3.12 -31.10 -33.89
CA THR C 19 -2.85 -32.54 -33.88
C THR C 19 -3.81 -33.26 -34.81
N TYR C 20 -3.27 -34.02 -35.77
CA TYR C 20 -4.03 -34.59 -36.87
C TYR C 20 -3.83 -36.10 -36.93
N SER C 21 -4.93 -36.83 -37.06
CA SER C 21 -4.87 -38.27 -37.31
C SER C 21 -4.85 -38.53 -38.81
N LYS C 22 -3.94 -39.38 -39.25
CA LYS C 22 -3.78 -39.67 -40.67
C LYS C 22 -4.99 -40.43 -41.21
N HIS C 25 4.52 -40.17 -42.87
CA HIS C 25 4.81 -41.61 -42.86
C HIS C 25 5.80 -41.95 -41.76
N PRO C 26 5.65 -43.13 -41.16
CA PRO C 26 6.65 -43.59 -40.17
C PRO C 26 8.04 -43.74 -40.76
N LYS C 27 8.14 -44.00 -42.06
CA LYS C 27 9.43 -44.11 -42.73
C LYS C 27 9.90 -42.78 -43.32
N PHE C 28 9.13 -41.70 -43.11
CA PHE C 28 9.51 -40.39 -43.63
C PHE C 28 9.66 -39.38 -42.50
N ILE C 29 10.33 -39.79 -41.42
CA ILE C 29 10.53 -38.95 -40.25
C ILE C 29 12.03 -38.72 -40.07
N LYS C 30 12.42 -37.45 -39.94
CA LYS C 30 13.84 -37.11 -39.80
C LYS C 30 14.11 -36.19 -38.62
N GLU C 31 13.21 -35.23 -38.36
CA GLU C 31 13.45 -34.19 -37.38
C GLU C 31 12.30 -34.12 -36.40
N LEU C 32 12.61 -33.74 -35.15
CA LEU C 32 11.61 -33.62 -34.10
C LEU C 32 12.20 -32.78 -32.98
N ARG C 33 11.37 -32.51 -31.97
CA ARG C 33 11.79 -31.79 -30.78
C ARG C 33 10.95 -32.26 -29.60
N VAL C 34 11.45 -32.00 -28.40
CA VAL C 34 10.79 -32.44 -27.17
C VAL C 34 10.44 -31.20 -26.36
N ILE C 35 9.15 -30.91 -26.26
CA ILE C 35 8.63 -29.87 -25.38
C ILE C 35 7.28 -30.34 -24.85
N GLU C 36 7.22 -30.66 -23.56
CA GLU C 36 6.02 -31.22 -22.96
C GLU C 36 5.33 -30.25 -22.01
N SER C 37 6.06 -29.72 -21.03
CA SER C 37 5.55 -28.72 -20.10
C SER C 37 6.25 -27.40 -20.36
N GLY C 38 5.94 -26.41 -19.53
CA GLY C 38 6.54 -25.10 -19.64
C GLY C 38 5.86 -24.06 -18.77
N PRO C 39 6.61 -23.03 -18.38
CA PRO C 39 6.01 -21.95 -17.58
C PRO C 39 4.85 -21.27 -18.29
N HIS C 40 4.91 -21.13 -19.61
CA HIS C 40 3.80 -20.63 -20.40
C HIS C 40 3.14 -21.70 -21.26
N CYS C 41 3.75 -22.86 -21.42
CA CYS C 41 3.14 -23.94 -22.18
C CYS C 41 1.91 -24.47 -21.44
N ALA C 42 0.79 -24.56 -22.15
CA ALA C 42 -0.44 -25.07 -21.57
C ALA C 42 -1.05 -26.18 -22.41
N ASN C 43 -0.25 -26.86 -23.21
CA ASN C 43 -0.73 -27.95 -24.06
C ASN C 43 0.32 -29.06 -23.99
N THR C 44 0.11 -30.13 -24.77
CA THR C 44 1.04 -31.25 -24.84
C THR C 44 1.51 -31.40 -26.28
N GLU C 45 2.83 -31.36 -26.47
CA GLU C 45 3.42 -31.48 -27.80
C GLU C 45 4.83 -32.05 -27.72
N ILE C 47 6.88 -30.60 -32.62
CA ILE C 47 6.80 -30.51 -34.08
C ILE C 47 7.70 -31.55 -34.72
N VAL C 48 7.22 -32.15 -35.81
CA VAL C 48 7.94 -33.19 -36.52
C VAL C 48 8.02 -32.80 -38.00
N LYS C 49 9.17 -33.10 -38.61
CA LYS C 49 9.42 -32.78 -40.01
C LYS C 49 9.38 -34.05 -40.85
N LEU C 50 8.75 -33.96 -42.01
CA LEU C 50 8.65 -35.09 -42.92
C LEU C 50 9.95 -35.23 -43.70
N SER C 51 9.94 -36.09 -44.72
CA SER C 51 11.14 -36.27 -45.53
C SER C 51 11.45 -35.03 -46.35
N ASP C 52 10.44 -34.43 -46.98
CA ASP C 52 10.62 -33.25 -47.80
C ASP C 52 10.49 -31.95 -47.02
N GLY C 53 10.10 -32.01 -45.75
CA GLY C 53 9.94 -30.82 -44.95
C GLY C 53 8.50 -30.39 -44.79
N ARG C 54 7.91 -30.70 -43.64
CA ARG C 54 6.51 -30.37 -43.39
C ARG C 54 6.24 -30.25 -41.90
N ASP C 59 3.07 -37.61 -30.24
CA ASP C 59 2.09 -37.86 -29.18
C ASP C 59 2.32 -39.21 -28.52
N PRO C 60 2.57 -39.20 -27.20
CA PRO C 60 2.78 -40.47 -26.48
C PRO C 60 1.58 -41.41 -26.53
N LYS C 61 0.38 -40.89 -26.77
CA LYS C 61 -0.80 -41.74 -26.79
C LYS C 61 -0.88 -42.61 -28.04
N GLU C 62 -0.34 -42.14 -29.16
CA GLU C 62 -0.43 -42.89 -30.41
C GLU C 62 0.38 -44.18 -30.32
N ASN C 63 -0.06 -45.18 -31.10
CA ASN C 63 0.55 -46.50 -31.01
C ASN C 63 1.94 -46.52 -31.63
N TRP C 64 2.05 -46.23 -32.92
CA TRP C 64 3.35 -46.27 -33.59
C TRP C 64 4.18 -45.02 -33.33
N VAL C 65 3.54 -43.88 -33.08
CA VAL C 65 4.29 -42.66 -32.81
C VAL C 65 5.10 -42.79 -31.53
N GLN C 66 4.49 -43.36 -30.49
CA GLN C 66 5.18 -43.57 -29.23
C GLN C 66 6.04 -44.82 -29.29
N VAL C 69 9.22 -42.70 -32.24
CA VAL C 69 10.10 -41.86 -31.42
C VAL C 69 11.06 -42.72 -30.62
N GLU C 70 10.52 -43.56 -29.74
CA GLU C 70 11.36 -44.55 -29.06
C GLU C 70 11.96 -45.52 -30.06
N LYS C 71 11.12 -46.04 -30.97
CA LYS C 71 11.63 -46.90 -32.03
C LYS C 71 12.52 -46.13 -32.98
N PHE C 72 12.15 -44.88 -33.29
CA PHE C 72 13.01 -44.03 -34.09
C PHE C 72 14.33 -43.75 -33.39
N LEU C 73 14.30 -43.64 -32.05
CA LEU C 73 15.55 -43.57 -31.30
C LEU C 73 16.36 -44.85 -31.45
N LYS C 74 15.68 -46.00 -31.48
CA LYS C 74 16.37 -47.26 -31.73
C LYS C 74 16.95 -47.34 -33.13
N ARG C 75 16.44 -46.54 -34.07
CA ARG C 75 17.07 -46.39 -35.37
C ARG C 75 18.34 -45.55 -35.32
N ALA C 76 18.57 -44.88 -34.19
CA ALA C 76 19.81 -44.15 -33.94
C ALA C 76 20.40 -44.52 -32.59
N GLU C 77 20.23 -45.79 -32.17
CA GLU C 77 20.53 -46.27 -30.83
C GLU C 77 22.02 -46.37 -30.53
N ASN C 78 22.93 -45.92 -31.40
CA ASN C 78 24.34 -45.93 -31.05
C ASN C 78 24.61 -45.02 -29.85
N SER C 79 23.97 -43.87 -29.81
CA SER C 79 24.09 -42.95 -28.68
C SER C 79 23.12 -43.32 -27.58
N GLU D 102 -20.40 20.01 48.71
CA GLU D 102 -20.75 18.60 48.80
C GLU D 102 -20.62 17.88 47.46
N ALA D 103 -21.43 18.27 46.48
CA ALA D 103 -21.42 17.64 45.15
C ALA D 103 -20.82 18.63 44.14
N ALA D 104 -19.50 18.60 44.04
CA ALA D 104 -18.77 19.42 43.09
C ALA D 104 -18.03 18.53 42.10
N ALA D 105 -17.86 19.04 40.88
CA ALA D 105 -17.19 18.29 39.82
C ALA D 105 -16.13 19.11 39.09
N PRO D 106 -15.17 19.69 39.80
CA PRO D 106 -13.99 20.22 39.11
C PRO D 106 -12.93 19.16 38.96
N CYS D 107 -12.39 19.02 37.76
CA CYS D 107 -11.48 17.91 37.52
C CYS D 107 -10.85 18.04 36.14
N HIS D 108 -9.52 18.10 36.09
CA HIS D 108 -8.87 18.36 34.81
C HIS D 108 -7.41 18.01 34.91
N SER D 109 -6.80 17.76 33.75
CA SER D 109 -5.39 17.39 33.73
C SER D 109 -4.82 17.53 32.32
N CYS D 110 -3.51 17.84 32.26
CA CYS D 110 -2.67 17.66 31.08
C CYS D 110 -1.38 17.06 31.65
N ASN D 111 -1.32 15.73 31.72
CA ASN D 111 -0.42 15.03 32.63
C ASN D 111 0.91 14.70 31.96
N LEU D 112 2.00 15.15 32.59
CA LEU D 112 3.36 14.66 32.35
C LEU D 112 3.89 14.96 30.95
N LEU D 113 3.04 15.49 30.07
CA LEU D 113 3.47 15.91 28.74
C LEU D 113 2.69 17.17 28.39
N ASP D 114 3.22 18.32 28.78
CA ASP D 114 2.62 19.58 28.41
C ASP D 114 3.60 20.49 27.68
N ASP D 115 4.73 20.79 28.32
CA ASP D 115 5.69 21.71 27.73
C ASP D 115 7.15 21.35 27.99
N SER D 116 7.44 20.21 28.63
CA SER D 116 8.83 19.82 28.81
C SER D 116 9.52 19.59 27.48
N ALA D 117 8.78 19.07 26.50
CA ALA D 117 9.20 19.05 25.09
C ALA D 117 10.55 18.36 24.86
N LEU D 118 11.52 19.14 24.39
CA LEU D 118 12.74 18.59 23.80
C LEU D 118 13.48 17.60 24.70
N PRO D 119 13.61 17.82 26.03
CA PRO D 119 14.23 16.79 26.88
C PRO D 119 13.69 15.37 26.69
N PHE D 120 12.53 15.23 26.05
CA PHE D 120 11.88 13.93 25.98
C PHE D 120 11.57 13.48 24.56
N PHE D 121 11.28 14.41 23.65
CA PHE D 121 10.80 14.06 22.32
C PHE D 121 11.80 14.44 21.23
N ILE D 122 12.17 15.71 21.11
CA ILE D 122 13.04 16.13 20.02
C ILE D 122 14.42 15.48 20.16
N LEU D 123 14.94 15.41 21.38
CA LEU D 123 16.16 14.64 21.60
C LEU D 123 15.93 13.17 21.25
N THR D 124 14.81 12.60 21.68
CA THR D 124 14.49 11.23 21.34
C THR D 124 14.33 11.06 19.83
N SER D 125 13.63 12.00 19.19
CA SER D 125 13.41 11.90 17.75
C SER D 125 14.73 11.94 16.98
N VAL D 126 15.61 12.87 17.34
CA VAL D 126 16.90 13.00 16.65
C VAL D 126 17.76 11.76 16.90
N LEU D 127 17.80 11.29 18.15
CA LEU D 127 18.59 10.09 18.44
C LEU D 127 18.03 8.87 17.71
N GLY D 128 16.71 8.79 17.58
CA GLY D 128 16.08 7.73 16.84
C GLY D 128 16.37 7.76 15.36
N ILE D 129 16.32 8.95 14.75
CA ILE D 129 16.66 9.05 13.34
C ILE D 129 18.13 8.69 13.13
N LEU D 130 18.99 9.07 14.08
CA LEU D 130 20.40 8.69 13.97
C LEU D 130 20.58 7.18 14.06
N ALA D 131 19.97 6.55 15.06
CA ALA D 131 20.11 5.11 15.22
C ALA D 131 19.50 4.34 14.06
N SER D 132 18.34 4.80 13.56
CA SER D 132 17.69 4.12 12.45
C SER D 132 18.48 4.27 11.16
N SER D 133 19.02 5.47 10.90
CA SER D 133 19.89 5.63 9.75
C SER D 133 21.14 4.79 9.88
N THR D 134 21.67 4.65 11.10
CA THR D 134 22.83 3.79 11.31
C THR D 134 22.51 2.34 10.96
N VAL D 135 21.43 1.80 11.53
CA VAL D 135 21.08 0.40 11.28
C VAL D 135 20.52 0.17 9.89
N LEU D 136 20.16 1.23 9.17
CA LEU D 136 19.70 1.10 7.79
C LEU D 136 20.86 1.17 6.80
N PHE D 137 21.78 2.09 7.13
CA PHE D 137 22.98 2.38 6.31
C PHE D 137 24.14 1.46 6.73
N MET D 138 23.94 0.50 7.61
CA MET D 138 24.84 -0.62 7.86
C MET D 138 24.45 -1.83 7.03
N LEU D 139 23.15 -2.05 6.83
CA LEU D 139 22.71 -3.12 5.94
C LEU D 139 23.01 -2.78 4.49
N PHE D 140 22.92 -1.51 4.11
CA PHE D 140 23.26 -1.08 2.76
C PHE D 140 24.77 -0.98 2.56
N ARG D 141 25.57 -1.15 3.60
CA ARG D 141 27.03 -1.13 3.50
C ARG D 141 27.58 -2.36 4.23
N PRO D 142 27.47 -3.54 3.61
CA PRO D 142 28.01 -4.77 4.18
C PRO D 142 29.51 -4.92 3.95
N ARG D 145 28.71 -10.48 7.32
CA ARG D 145 27.99 -10.91 8.52
C ARG D 145 26.66 -10.19 8.68
N TRP D 146 26.56 -8.98 8.09
CA TRP D 146 25.33 -8.22 8.14
C TRP D 146 24.44 -8.44 6.93
N GLN D 147 24.86 -9.28 5.98
CA GLN D 147 24.03 -9.68 4.85
C GLN D 147 23.46 -11.08 5.00
N LEU D 148 23.55 -11.67 6.20
CA LEU D 148 23.15 -13.05 6.43
C LEU D 148 21.87 -13.15 7.25
N CYS D 149 21.06 -12.10 7.28
CA CYS D 149 19.82 -12.14 8.06
C CYS D 149 18.77 -12.99 7.36
N PRO D 150 18.21 -14.00 8.03
CA PRO D 150 17.11 -14.76 7.42
C PRO D 150 15.83 -13.93 7.37
N GLY D 151 15.21 -13.85 6.21
CA GLY D 151 14.13 -12.89 6.03
C GLY D 151 14.61 -11.46 6.17
N TRP D 152 15.76 -11.15 5.58
CA TRP D 152 16.40 -9.85 5.80
C TRP D 152 15.55 -8.64 5.41
N PRO D 153 14.84 -8.60 4.27
CA PRO D 153 14.14 -7.35 3.92
C PRO D 153 12.95 -7.06 4.82
N VAL D 154 12.35 -8.07 5.45
CA VAL D 154 11.30 -7.80 6.43
C VAL D 154 11.86 -7.00 7.60
N LEU D 155 13.02 -7.43 8.10
CA LEU D 155 13.68 -6.67 9.18
C LEU D 155 14.16 -5.31 8.71
N ALA D 156 14.64 -5.23 7.47
CA ALA D 156 15.06 -3.93 6.94
C ALA D 156 13.89 -2.96 6.89
N GLN D 157 12.72 -3.44 6.49
CA GLN D 157 11.53 -2.60 6.51
C GLN D 157 11.07 -2.30 7.93
N LEU D 158 11.28 -3.23 8.86
CA LEU D 158 11.01 -2.95 10.27
C LEU D 158 11.87 -1.81 10.80
N ALA D 159 13.11 -1.70 10.32
CA ALA D 159 13.96 -0.57 10.67
C ALA D 159 13.59 0.70 9.92
N VAL D 160 13.17 0.58 8.67
CA VAL D 160 12.77 1.75 7.89
C VAL D 160 11.52 2.39 8.49
N GLY D 161 10.58 1.56 8.98
CA GLY D 161 9.42 2.09 9.66
C GLY D 161 9.81 2.88 10.90
N SER D 162 10.78 2.37 11.66
CA SER D 162 11.28 3.11 12.81
C SER D 162 11.93 4.42 12.39
N ALA D 163 12.63 4.41 11.25
CA ALA D 163 13.23 5.65 10.75
C ALA D 163 12.17 6.68 10.41
N LEU D 164 11.10 6.26 9.73
CA LEU D 164 10.00 7.18 9.43
C LEU D 164 9.34 7.68 10.71
N PHE D 165 9.14 6.79 11.69
CA PHE D 165 8.55 7.21 12.95
C PHE D 165 9.44 8.23 13.67
N SER D 166 10.76 8.02 13.64
CA SER D 166 11.68 8.97 14.25
C SER D 166 11.64 10.31 13.53
N ILE D 167 11.55 10.28 12.20
CA ILE D 167 11.48 11.53 11.45
C ILE D 167 10.20 12.27 11.75
N VAL D 168 9.12 11.56 12.08
CA VAL D 168 7.83 12.21 12.26
C VAL D 168 7.52 12.58 13.72
N VAL D 169 8.17 11.96 14.69
CA VAL D 169 7.87 12.24 16.10
C VAL D 169 7.83 13.74 16.41
N PRO D 170 8.80 14.57 16.01
CA PRO D 170 8.72 16.00 16.33
C PRO D 170 7.54 16.70 15.69
N VAL D 171 6.97 16.15 14.61
CA VAL D 171 5.83 16.80 13.96
C VAL D 171 4.62 16.80 14.89
N LEU D 172 4.35 15.67 15.54
CA LEU D 172 3.20 15.53 16.42
C LEU D 172 3.52 15.79 17.89
N ALA D 173 4.79 15.99 18.23
CA ALA D 173 5.15 16.19 19.63
C ALA D 173 4.79 17.60 20.09
N PRO D 174 4.45 17.76 21.36
CA PRO D 174 4.23 19.09 21.92
C PRO D 174 5.53 19.80 22.21
N GLY D 175 5.46 21.13 22.25
CA GLY D 175 6.62 21.97 22.47
C GLY D 175 7.22 22.56 21.20
N LEU D 176 6.84 22.04 20.04
CA LEU D 176 7.29 22.58 18.77
C LEU D 176 6.39 23.75 18.35
N GLY D 177 6.55 24.20 17.11
CA GLY D 177 5.80 25.34 16.62
C GLY D 177 4.30 25.15 16.66
N SER D 178 3.59 26.15 17.20
CA SER D 178 2.15 26.08 17.30
C SER D 178 1.53 26.42 15.94
N THR D 179 0.20 26.59 15.92
CA THR D 179 -0.54 26.85 14.68
C THR D 179 -0.24 25.80 13.62
N ARG D 180 -0.14 24.54 14.06
CA ARG D 180 0.19 23.45 13.14
C ARG D 180 -0.98 23.23 12.18
N SER D 181 -0.66 23.12 10.90
CA SER D 181 -1.69 22.86 9.90
C SER D 181 -2.35 21.51 10.16
N SER D 182 -3.67 21.46 9.94
CA SER D 182 -4.38 20.20 10.08
C SER D 182 -3.82 19.14 9.16
N ALA D 183 -3.33 19.55 7.97
CA ALA D 183 -2.68 18.60 7.08
C ALA D 183 -1.37 18.09 7.67
N LEU D 184 -0.63 18.95 8.38
CA LEU D 184 0.62 18.50 9.01
C LEU D 184 0.36 17.42 10.04
N CYS D 185 -0.59 17.66 10.96
CA CYS D 185 -0.93 16.64 11.95
C CYS D 185 -1.51 15.40 11.30
N SER D 186 -2.33 15.56 10.26
CA SER D 186 -2.89 14.40 9.58
C SER D 186 -1.80 13.55 8.96
N LEU D 187 -0.83 14.19 8.29
CA LEU D 187 0.28 13.44 7.70
C LEU D 187 1.14 12.78 8.78
N GLY D 188 1.40 13.49 9.86
CA GLY D 188 2.19 12.92 10.94
C GLY D 188 1.53 11.70 11.54
N TYR D 189 0.24 11.79 11.84
CA TYR D 189 -0.50 10.65 12.35
C TYR D 189 -0.54 9.51 11.35
N CYS D 190 -0.76 9.84 10.07
CA CYS D 190 -0.75 8.84 9.01
C CYS D 190 0.53 8.02 9.04
N VAL D 191 1.68 8.68 8.91
CA VAL D 191 2.93 7.93 8.83
C VAL D 191 3.26 7.26 10.17
N TRP D 192 2.93 7.91 11.29
CA TRP D 192 3.17 7.32 12.61
C TRP D 192 2.44 6.00 12.78
N TYR D 193 1.11 6.05 12.72
CA TYR D 193 0.34 4.83 12.89
C TYR D 193 0.53 3.85 11.74
N GLY D 194 0.88 4.33 10.55
CA GLY D 194 1.19 3.41 9.46
C GLY D 194 2.46 2.63 9.70
N SER D 195 3.49 3.29 10.23
CA SER D 195 4.71 2.59 10.60
C SER D 195 4.44 1.61 11.73
N ALA D 196 3.61 2.00 12.70
CA ALA D 196 3.23 1.07 13.76
C ALA D 196 2.53 -0.16 13.19
N PHE D 197 1.53 0.07 12.34
CA PHE D 197 0.79 -1.04 11.73
C PHE D 197 1.71 -1.91 10.90
N ALA D 198 2.61 -1.30 10.13
CA ALA D 198 3.49 -2.06 9.24
C ALA D 198 4.48 -2.89 10.03
N GLN D 199 5.05 -2.33 11.10
CA GLN D 199 5.95 -3.12 11.94
C GLN D 199 5.20 -4.28 12.60
N ALA D 200 3.99 -4.03 13.09
CA ALA D 200 3.21 -5.11 13.70
C ALA D 200 2.90 -6.20 12.69
N LEU D 201 2.50 -5.81 11.47
CA LEU D 201 2.13 -6.79 10.45
C LEU D 201 3.34 -7.57 9.96
N LEU D 202 4.49 -6.90 9.81
CA LEU D 202 5.71 -7.60 9.42
C LEU D 202 6.15 -8.57 10.51
N LEU D 203 6.04 -8.16 11.78
CA LEU D 203 6.37 -9.08 12.86
C LEU D 203 5.44 -10.28 12.88
N GLY D 204 4.15 -10.06 12.67
CA GLY D 204 3.22 -11.19 12.63
C GLY D 204 3.49 -12.13 11.48
N CYS D 205 3.71 -11.58 10.28
CA CYS D 205 4.00 -12.42 9.12
C CYS D 205 5.31 -13.16 9.28
N HIS D 206 6.32 -12.53 9.90
CA HIS D 206 7.58 -13.21 10.15
C HIS D 206 7.41 -14.31 11.20
N ALA D 207 6.53 -14.10 12.17
CA ALA D 207 6.24 -15.13 13.16
C ALA D 207 5.40 -16.27 12.58
N SER D 208 4.71 -16.04 11.47
CA SER D 208 3.98 -17.11 10.81
C SER D 208 4.74 -17.73 9.64
N LEU D 209 5.66 -16.98 9.03
CA LEU D 209 6.42 -17.44 7.87
C LEU D 209 7.92 -17.32 8.14
N GLY D 210 8.36 -17.75 9.31
CA GLY D 210 9.76 -17.64 9.67
C GLY D 210 10.66 -18.58 8.89
N HIS D 211 10.44 -19.89 9.05
CA HIS D 211 11.26 -20.87 8.34
C HIS D 211 10.99 -20.83 6.83
N ARG D 212 9.73 -20.65 6.45
CA ARG D 212 9.37 -20.60 5.04
C ARG D 212 9.86 -19.32 4.37
N VAL D 218 9.55 -19.34 -4.01
CA VAL D 218 9.14 -18.44 -5.08
C VAL D 218 9.93 -17.13 -4.95
N PRO D 219 10.34 -16.56 -6.09
CA PRO D 219 11.05 -15.27 -6.05
C PRO D 219 10.24 -14.15 -5.43
N GLY D 220 8.92 -14.18 -5.56
CA GLY D 220 8.08 -13.14 -5.00
C GLY D 220 7.76 -13.28 -3.54
N LEU D 221 8.32 -14.29 -2.86
CA LEU D 221 8.05 -14.46 -1.43
C LEU D 221 8.59 -13.31 -0.61
N THR D 222 9.59 -12.58 -1.10
CA THR D 222 10.10 -11.41 -0.41
C THR D 222 9.38 -10.13 -0.82
N LEU D 223 9.25 -9.90 -2.14
CA LEU D 223 8.60 -8.68 -2.61
C LEU D 223 7.09 -8.77 -2.46
N GLY D 224 6.50 -9.92 -2.76
CA GLY D 224 5.06 -10.06 -2.61
C GLY D 224 4.61 -9.86 -1.18
N LEU D 225 5.31 -10.51 -0.24
CA LEU D 225 4.97 -10.37 1.17
C LEU D 225 5.08 -8.92 1.63
N THR D 226 6.18 -8.25 1.26
CA THR D 226 6.37 -6.89 1.74
C THR D 226 5.38 -5.92 1.09
N VAL D 227 5.06 -6.12 -0.19
CA VAL D 227 4.11 -5.22 -0.83
C VAL D 227 2.71 -5.43 -0.27
N GLY D 228 2.34 -6.68 0.02
CA GLY D 228 1.06 -6.92 0.66
C GLY D 228 1.00 -6.36 2.06
N ILE D 229 2.08 -6.51 2.84
CA ILE D 229 2.11 -5.99 4.20
C ILE D 229 2.02 -4.47 4.19
N TRP D 230 2.76 -3.77 3.42
CA TRP D 230 2.49 -2.32 3.49
C TRP D 230 1.08 -2.12 2.97
N GLY D 231 0.72 -2.63 1.81
CA GLY D 231 -0.60 -2.24 1.35
C GLY D 231 -1.66 -2.38 2.43
N VAL D 232 -1.63 -3.48 3.18
CA VAL D 232 -2.64 -3.68 4.22
C VAL D 232 -2.38 -2.72 5.40
N ALA D 233 -1.12 -2.41 5.67
CA ALA D 233 -0.81 -1.42 6.70
C ALA D 233 -1.29 -0.03 6.28
N ALA D 234 -1.06 0.33 5.01
CA ALA D 234 -1.51 1.61 4.50
C ALA D 234 -3.03 1.70 4.44
N LEU D 235 -3.70 0.55 4.25
CA LEU D 235 -5.16 0.55 4.27
C LEU D 235 -5.69 0.65 5.69
N LEU D 236 -5.01 0.01 6.65
CA LEU D 236 -5.47 0.03 8.04
C LEU D 236 -5.35 1.41 8.67
N THR D 237 -4.49 2.28 8.14
CA THR D 237 -4.36 3.63 8.66
C THR D 237 -5.26 4.63 7.95
N LEU D 238 -6.16 4.15 7.09
CA LEU D 238 -7.16 5.03 6.47
C LEU D 238 -8.04 5.73 7.51
N PRO D 239 -8.63 5.00 8.47
CA PRO D 239 -9.50 5.69 9.44
C PRO D 239 -8.79 6.74 10.26
N VAL D 240 -7.57 6.47 10.71
CA VAL D 240 -6.89 7.42 11.60
C VAL D 240 -6.49 8.67 10.84
N THR D 241 -6.00 8.54 9.61
CA THR D 241 -5.65 9.75 8.86
C THR D 241 -6.89 10.49 8.40
N LEU D 242 -8.00 9.77 8.15
CA LEU D 242 -9.25 10.45 7.84
C LEU D 242 -9.83 11.12 9.08
N ALA D 243 -9.82 10.43 10.21
CA ALA D 243 -10.27 11.00 11.47
C ALA D 243 -9.07 11.52 12.25
N SER D 244 -8.54 12.64 11.78
CA SER D 244 -7.39 13.28 12.40
C SER D 244 -7.57 14.79 12.32
N GLY D 245 -6.70 15.50 13.04
CA GLY D 245 -6.72 16.95 12.98
C GLY D 245 -5.87 17.55 14.08
N ALA D 246 -5.84 18.89 14.10
CA ALA D 246 -5.14 19.66 15.12
C ALA D 246 -6.08 20.76 15.58
N SER D 247 -6.89 20.48 16.60
CA SER D 247 -7.80 21.47 17.15
C SER D 247 -7.08 22.23 18.27
N GLY D 248 -6.99 23.55 18.11
CA GLY D 248 -6.34 24.38 19.10
C GLY D 248 -4.83 24.46 18.99
N GLY D 249 -4.22 23.77 18.03
CA GLY D 249 -2.79 23.80 17.83
C GLY D 249 -2.05 22.52 18.17
N LEU D 250 -2.73 21.53 18.74
CA LEU D 250 -2.11 20.27 19.13
C LEU D 250 -2.66 19.13 18.30
N CYS D 251 -1.77 18.22 17.88
CA CYS D 251 -2.19 17.02 17.17
C CYS D 251 -3.15 16.21 18.04
N THR D 252 -4.37 16.01 17.55
CA THR D 252 -5.40 15.32 18.32
C THR D 252 -6.18 14.37 17.43
N LEU D 253 -6.42 13.16 17.94
CA LEU D 253 -7.31 12.23 17.26
C LEU D 253 -8.75 12.70 17.40
N ILE D 254 -9.54 12.48 16.35
CA ILE D 254 -10.92 12.95 16.29
C ILE D 254 -11.82 11.85 16.85
N TYR D 255 -12.51 12.15 17.95
CA TYR D 255 -13.43 11.22 18.60
C TYR D 255 -14.71 11.97 18.93
N SER D 256 -15.66 11.94 18.01
CA SER D 256 -16.93 12.63 18.19
C SER D 256 -17.98 11.97 17.31
N THR D 257 -19.21 12.47 17.55
CA THR D 257 -20.29 11.91 16.76
C THR D 257 -20.20 12.34 15.30
N GLU D 258 -19.57 13.48 15.03
CA GLU D 258 -19.38 13.90 13.64
C GLU D 258 -18.50 12.92 12.87
N LEU D 259 -17.54 12.29 13.56
CA LEU D 259 -16.65 11.31 12.95
C LEU D 259 -16.71 10.00 13.73
N LYS D 260 -17.91 9.65 14.21
CA LYS D 260 -18.06 8.50 15.10
C LYS D 260 -17.67 7.20 14.41
N ALA D 261 -18.13 7.01 13.17
CA ALA D 261 -17.85 5.75 12.48
C ALA D 261 -16.36 5.58 12.21
N LEU D 262 -15.69 6.64 11.75
CA LEU D 262 -14.26 6.54 11.47
C LEU D 262 -13.47 6.27 12.74
N GLN D 263 -13.81 6.95 13.83
CA GLN D 263 -13.13 6.71 15.10
C GLN D 263 -13.38 5.29 15.61
N ALA D 264 -14.61 4.78 15.47
CA ALA D 264 -14.90 3.42 15.88
C ALA D 264 -14.07 2.42 15.08
N THR D 265 -14.01 2.56 13.75
CA THR D 265 -13.19 1.69 12.93
C THR D 265 -11.72 1.80 13.31
N HIS D 266 -11.25 3.03 13.54
CA HIS D 266 -9.85 3.22 13.93
C HIS D 266 -9.53 2.51 15.23
N THR D 267 -10.41 2.64 16.23
CA THR D 267 -10.10 2.03 17.51
C THR D 267 -10.22 0.51 17.47
N VAL D 268 -11.15 -0.04 16.69
CA VAL D 268 -11.20 -1.50 16.64
C VAL D 268 -9.99 -2.04 15.89
N ALA D 269 -9.56 -1.36 14.82
CA ALA D 269 -8.36 -1.80 14.11
C ALA D 269 -7.13 -1.73 15.01
N CYS D 270 -6.97 -0.62 15.73
CA CYS D 270 -5.83 -0.48 16.63
C CYS D 270 -5.87 -1.53 17.73
N LEU D 271 -7.04 -1.73 18.33
CA LEU D 271 -7.17 -2.74 19.37
C LEU D 271 -6.82 -4.11 18.86
N ALA D 272 -7.36 -4.49 17.69
CA ALA D 272 -7.04 -5.78 17.11
C ALA D 272 -5.54 -5.91 16.94
N ILE D 273 -4.97 -5.08 16.07
CA ILE D 273 -3.58 -5.29 15.66
C ILE D 273 -2.61 -5.09 16.81
N PHE D 274 -3.00 -4.39 17.88
CA PHE D 274 -2.05 -4.08 18.94
C PHE D 274 -2.19 -4.93 20.19
N VAL D 275 -3.40 -5.29 20.61
CA VAL D 275 -3.55 -6.15 21.77
C VAL D 275 -4.26 -7.47 21.46
N LEU D 276 -5.17 -7.52 20.47
CA LEU D 276 -5.82 -8.78 20.15
C LEU D 276 -5.02 -9.60 19.16
N LEU D 277 -4.23 -8.94 18.30
CA LEU D 277 -3.30 -9.69 17.46
C LEU D 277 -2.24 -10.40 18.27
N PRO D 278 -1.54 -9.77 19.23
CA PRO D 278 -0.65 -10.55 20.10
C PRO D 278 -1.40 -11.54 20.97
N LEU D 279 -2.56 -11.15 21.49
CA LEU D 279 -3.39 -12.10 22.23
C LEU D 279 -3.87 -13.23 21.32
N GLY D 280 -4.22 -12.90 20.07
CA GLY D 280 -4.58 -13.94 19.12
C GLY D 280 -3.44 -14.91 18.87
N LEU D 281 -2.22 -14.41 18.77
CA LEU D 281 -1.06 -15.29 18.68
C LEU D 281 -0.87 -16.08 19.96
N PHE D 282 -1.27 -15.51 21.10
CA PHE D 282 -1.17 -16.19 22.38
C PHE D 282 -2.13 -17.37 22.50
N GLY D 283 -3.10 -17.47 21.60
CA GLY D 283 -3.98 -18.62 21.57
C GLY D 283 -3.44 -19.81 20.82
N ALA D 284 -2.23 -19.71 20.28
CA ALA D 284 -1.61 -20.81 19.55
C ALA D 284 -1.26 -21.93 20.52
N LYS D 285 -1.95 -23.06 20.39
CA LYS D 285 -1.72 -24.20 21.27
C LYS D 285 -1.60 -25.48 20.45
N GLY D 296 9.92 -25.25 21.22
CA GLY D 296 9.06 -24.90 20.11
C GLY D 296 9.47 -23.61 19.42
N PRO D 297 9.22 -23.53 18.12
CA PRO D 297 9.58 -22.31 17.37
C PRO D 297 8.68 -21.13 17.72
N TRP D 298 8.74 -20.67 18.96
CA TRP D 298 7.93 -19.55 19.43
C TRP D 298 8.74 -18.61 20.32
N MET D 299 10.04 -18.48 20.06
CA MET D 299 10.89 -17.63 20.89
C MET D 299 10.43 -16.19 20.85
N ASN D 300 10.25 -15.63 19.65
CA ASN D 300 9.69 -14.31 19.45
C ASN D 300 10.41 -13.26 20.30
N ILE D 301 11.70 -13.08 20.02
CA ILE D 301 12.54 -12.16 20.77
C ILE D 301 12.16 -10.72 20.42
N LEU D 302 11.20 -10.57 19.51
CA LEU D 302 10.66 -9.26 19.15
C LEU D 302 9.27 -9.04 19.74
N TRP D 303 8.90 -9.81 20.76
CA TRP D 303 7.64 -9.56 21.45
C TRP D 303 7.68 -8.30 22.29
N ALA D 304 8.87 -7.77 22.55
CA ALA D 304 8.98 -6.51 23.29
C ALA D 304 8.31 -5.36 22.53
N TRP D 305 8.22 -5.45 21.20
CA TRP D 305 7.52 -4.42 20.45
C TRP D 305 6.03 -4.39 20.81
N PHE D 306 5.40 -5.57 20.87
CA PHE D 306 3.99 -5.59 21.26
C PHE D 306 3.82 -5.35 22.75
N ILE D 307 4.85 -5.64 23.56
CA ILE D 307 4.84 -5.24 24.96
C ILE D 307 4.77 -3.72 25.02
N PHE D 308 5.54 -3.06 24.15
CA PHE D 308 5.51 -1.61 24.06
C PHE D 308 4.13 -1.10 23.67
N TRP D 309 3.50 -1.75 22.69
CA TRP D 309 2.31 -1.21 22.06
C TRP D 309 0.98 -1.65 22.68
N TRP D 310 0.96 -2.72 23.49
CA TRP D 310 -0.30 -3.17 24.06
C TRP D 310 -0.91 -2.16 25.03
N PRO D 311 -0.14 -1.53 25.97
CA PRO D 311 -0.72 -0.45 26.77
C PRO D 311 -1.45 0.59 25.94
N HIS D 312 -0.86 0.98 24.80
CA HIS D 312 -1.51 1.97 23.96
C HIS D 312 -2.86 1.48 23.45
N GLY D 313 -2.92 0.23 22.98
CA GLY D 313 -4.17 -0.29 22.46
C GLY D 313 -5.25 -0.40 23.53
N VAL D 314 -4.88 -0.96 24.68
CA VAL D 314 -5.88 -1.13 25.75
C VAL D 314 -6.34 0.21 26.28
N VAL D 315 -5.43 1.19 26.38
CA VAL D 315 -5.82 2.51 26.85
C VAL D 315 -6.70 3.20 25.81
N LEU D 316 -6.43 2.97 24.52
CA LEU D 316 -7.31 3.50 23.49
C LEU D 316 -8.70 2.91 23.59
N GLY D 317 -8.80 1.61 23.84
CA GLY D 317 -10.10 0.99 24.02
C GLY D 317 -10.84 1.51 25.23
N LEU D 318 -10.11 1.69 26.33
CA LEU D 318 -10.70 2.26 27.54
C LEU D 318 -11.17 3.69 27.33
N ASP D 319 -10.40 4.49 26.59
CA ASP D 319 -10.82 5.86 26.30
C ASP D 319 -12.01 5.87 25.34
N PHE D 320 -12.06 4.93 24.42
CA PHE D 320 -13.25 4.76 23.57
C PHE D 320 -14.47 4.50 24.44
N LEU D 321 -14.36 3.57 25.39
CA LEU D 321 -15.49 3.26 26.25
C LEU D 321 -15.87 4.45 27.13
N VAL D 322 -14.88 5.18 27.65
CA VAL D 322 -15.16 6.28 28.57
C VAL D 322 -15.79 7.46 27.84
N ARG D 323 -15.25 7.82 26.66
CA ARG D 323 -15.76 8.97 25.94
C ARG D 323 -17.17 8.72 25.44
N SER D 324 -17.43 7.54 24.88
CA SER D 324 -18.77 7.17 24.46
C SER D 324 -19.67 6.83 25.63
N LYS D 325 -19.12 6.74 26.84
CA LYS D 325 -19.90 6.58 28.07
C LYS D 325 -20.64 5.24 28.12
N LEU D 326 -19.90 4.15 27.91
CA LEU D 326 -20.38 2.81 28.21
C LEU D 326 -19.48 2.12 29.23
N LEU D 327 -18.90 2.86 30.17
CA LEU D 327 -18.00 2.31 31.16
C LEU D 327 -18.44 2.77 32.56
N LEU D 328 -17.68 2.39 33.56
CA LEU D 328 -18.05 2.56 34.97
C LEU D 328 -17.05 3.42 35.73
N LEU D 329 -16.62 4.53 35.12
CA LEU D 329 -15.74 5.47 35.79
C LEU D 329 -16.51 6.17 36.91
N SER D 330 -16.06 5.99 38.16
CA SER D 330 -16.83 6.46 39.30
C SER D 330 -16.42 7.82 39.82
N THR D 331 -15.12 8.12 39.95
CA THR D 331 -14.64 9.36 40.57
C THR D 331 -13.67 10.06 39.63
N CYS D 332 -13.24 11.26 40.04
CA CYS D 332 -12.19 11.96 39.31
C CYS D 332 -10.83 11.28 39.44
N LEU D 333 -10.67 10.34 40.39
CA LEU D 333 -9.51 9.47 40.31
C LEU D 333 -9.51 8.66 39.02
N ALA D 334 -10.67 8.16 38.61
CA ALA D 334 -10.74 7.36 37.39
C ALA D 334 -10.36 8.20 36.18
N GLN D 335 -10.89 9.42 36.09
CA GLN D 335 -10.54 10.30 34.98
C GLN D 335 -9.07 10.71 35.03
N GLN D 336 -8.57 10.99 36.22
CA GLN D 336 -7.17 11.39 36.35
C GLN D 336 -6.25 10.26 35.93
N ALA D 337 -6.54 9.04 36.36
CA ALA D 337 -5.75 7.89 35.96
C ALA D 337 -5.88 7.60 34.48
N LEU D 338 -7.07 7.83 33.90
CA LEU D 338 -7.24 7.63 32.47
C LEU D 338 -6.36 8.59 31.68
N ASP D 339 -6.34 9.88 32.05
CA ASP D 339 -5.49 10.83 31.36
C ASP D 339 -4.02 10.52 31.58
N LEU D 340 -3.65 10.14 32.80
CA LEU D 340 -2.27 9.80 33.12
C LEU D 340 -1.80 8.61 32.30
N LEU D 341 -2.62 7.56 32.22
CA LEU D 341 -2.26 6.39 31.43
C LEU D 341 -2.29 6.68 29.94
N LEU D 342 -3.15 7.59 29.49
CA LEU D 342 -3.15 8.03 28.11
C LEU D 342 -1.81 8.66 27.75
N ASN D 343 -1.37 9.63 28.54
CA ASN D 343 -0.10 10.30 28.26
C ASN D 343 1.08 9.35 28.43
N LEU D 344 1.03 8.46 29.42
CA LEU D 344 2.09 7.47 29.58
C LEU D 344 2.14 6.52 28.39
N ALA D 345 0.99 6.12 27.85
CA ALA D 345 0.97 5.28 26.67
C ALA D 345 1.54 6.01 25.46
N GLU D 346 1.21 7.30 25.31
CA GLU D 346 1.81 8.08 24.23
C GLU D 346 3.33 8.12 24.34
N ALA D 347 3.84 8.35 25.55
CA ALA D 347 5.29 8.41 25.74
C ALA D 347 5.93 7.05 25.46
N LEU D 348 5.34 5.98 25.98
CA LEU D 348 5.92 4.65 25.79
C LEU D 348 5.83 4.18 24.34
N ALA D 349 4.83 4.65 23.59
CA ALA D 349 4.77 4.35 22.16
C ALA D 349 5.79 5.16 21.39
N ILE D 350 5.96 6.43 21.75
CA ILE D 350 6.94 7.28 21.07
C ILE D 350 8.36 6.77 21.29
N LEU D 351 8.63 6.15 22.43
CA LEU D 351 9.97 5.61 22.66
C LEU D 351 10.33 4.45 21.75
N HIS D 352 9.36 3.90 21.00
CA HIS D 352 9.68 2.77 20.11
C HIS D 352 10.67 3.17 19.03
N CYS D 353 10.66 4.44 18.62
CA CYS D 353 11.55 4.87 17.54
C CYS D 353 13.00 4.66 17.91
N VAL D 354 13.38 4.97 19.14
CA VAL D 354 14.73 4.68 19.60
C VAL D 354 14.85 3.23 20.09
N ALA D 355 13.73 2.58 20.43
CA ALA D 355 13.81 1.23 20.96
C ALA D 355 14.18 0.20 19.90
N THR D 356 13.54 0.26 18.72
CA THR D 356 13.64 -0.86 17.77
C THR D 356 15.05 -1.16 17.27
N PRO D 357 15.90 -0.18 16.89
CA PRO D 357 17.18 -0.57 16.25
C PRO D 357 18.05 -1.49 17.09
N LEU D 358 18.09 -1.29 18.41
CA LEU D 358 18.84 -2.21 19.27
C LEU D 358 18.25 -3.61 19.22
N LEU D 359 16.92 -3.72 19.24
CA LEU D 359 16.28 -5.02 19.12
C LEU D 359 16.57 -5.67 17.77
N LEU D 360 16.71 -4.86 16.71
CA LEU D 360 17.05 -5.42 15.41
C LEU D 360 18.49 -5.90 15.36
N ALA D 361 19.40 -5.20 16.03
CA ALA D 361 20.76 -5.71 16.18
C ALA D 361 20.76 -7.03 16.94
N LEU D 362 19.94 -7.11 17.99
CA LEU D 362 19.81 -8.37 18.72
C LEU D 362 19.29 -9.49 17.83
N PHE D 363 18.28 -9.19 17.01
CA PHE D 363 17.74 -10.20 16.09
C PHE D 363 18.77 -10.64 15.08
N CYS D 364 19.57 -9.70 14.56
CA CYS D 364 20.62 -10.06 13.61
C CYS D 364 21.71 -10.90 14.27
N HIS D 365 22.00 -10.66 15.54
CA HIS D 365 23.01 -11.42 16.26
C HIS D 365 22.47 -12.68 16.89
N GLN D 366 21.16 -12.91 16.82
CA GLN D 366 20.55 -14.09 17.44
C GLN D 366 20.53 -15.31 16.53
N ALA D 367 20.76 -15.14 15.23
CA ALA D 367 20.75 -16.26 14.30
C ALA D 367 22.16 -16.87 14.19
N LEU E 12 -7.82 16.18 27.19
CA LEU E 12 -8.56 15.21 26.37
C LEU E 12 -10.03 15.17 26.78
N ARG E 13 -10.91 15.49 25.83
CA ARG E 13 -12.36 15.50 26.02
C ARG E 13 -12.80 16.54 27.04
N CYS E 14 -14.07 16.91 27.01
CA CYS E 14 -14.64 17.81 28.00
C CYS E 14 -14.82 17.07 29.33
N GLN E 15 -15.16 17.82 30.37
CA GLN E 15 -15.10 17.33 31.73
C GLN E 15 -16.38 17.70 32.49
N CYS E 16 -16.33 17.59 33.82
CA CYS E 16 -17.48 17.75 34.69
C CYS E 16 -18.51 16.68 34.41
N ILE E 17 -18.13 15.41 34.59
CA ILE E 17 -19.03 14.28 34.35
C ILE E 17 -19.69 13.80 35.65
N LYS E 18 -19.56 14.55 36.73
CA LYS E 18 -20.17 14.19 38.01
C LYS E 18 -21.40 15.04 38.29
N THR E 19 -22.17 15.29 37.23
CA THR E 19 -23.35 16.15 37.34
C THR E 19 -24.30 15.62 38.40
N TYR E 20 -24.64 16.48 39.37
CA TYR E 20 -25.46 16.10 40.50
C TYR E 20 -26.45 17.22 40.82
N SER E 21 -27.49 16.85 41.56
CA SER E 21 -28.48 17.83 42.01
C SER E 21 -27.80 18.84 42.93
N LYS E 22 -27.94 20.13 42.60
CA LYS E 22 -27.24 21.21 43.28
C LYS E 22 -25.74 20.93 43.38
N HIS E 25 -25.25 27.37 45.66
CA HIS E 25 -26.37 28.31 45.74
C HIS E 25 -26.44 29.20 44.51
N PRO E 26 -27.66 29.54 44.09
CA PRO E 26 -27.81 30.53 43.01
C PRO E 26 -27.21 31.88 43.34
N LYS E 27 -27.21 32.26 44.62
CA LYS E 27 -26.62 33.52 45.05
C LYS E 27 -25.13 33.39 45.39
N PHE E 28 -24.56 32.20 45.22
CA PHE E 28 -23.15 31.98 45.50
C PHE E 28 -22.42 31.54 44.24
N ILE E 29 -22.71 32.19 43.11
CA ILE E 29 -22.13 31.85 41.82
C ILE E 29 -21.32 33.04 41.32
N LYS E 30 -20.06 32.78 40.95
CA LYS E 30 -19.18 33.86 40.51
C LYS E 30 -18.47 33.56 39.19
N GLU E 31 -18.07 32.30 38.99
CA GLU E 31 -17.22 31.93 37.87
C GLU E 31 -17.82 30.75 37.13
N LEU E 32 -17.58 30.70 35.82
CA LEU E 32 -18.09 29.63 34.97
C LEU E 32 -17.31 29.64 33.66
N ARG E 33 -17.60 28.66 32.81
CA ARG E 33 -17.02 28.57 31.49
C ARG E 33 -18.00 27.88 30.55
N VAL E 34 -17.79 28.06 29.25
CA VAL E 34 -18.68 27.51 28.24
C VAL E 34 -17.88 26.56 27.37
N ILE E 35 -18.20 25.26 27.47
CA ILE E 35 -17.65 24.24 26.58
C ILE E 35 -18.73 23.20 26.35
N GLU E 36 -19.26 23.14 25.13
CA GLU E 36 -20.38 22.27 24.82
C GLU E 36 -19.99 21.10 23.93
N SER E 37 -19.40 21.38 22.77
CA SER E 37 -18.93 20.35 21.86
C SER E 37 -17.41 20.39 21.79
N GLY E 38 -16.85 19.53 20.93
CA GLY E 38 -15.43 19.48 20.73
C GLY E 38 -15.00 18.27 19.93
N PRO E 39 -13.85 18.36 19.26
CA PRO E 39 -13.33 17.21 18.51
C PRO E 39 -13.11 15.98 19.38
N HIS E 40 -12.70 16.16 20.63
CA HIS E 40 -12.63 15.07 21.59
C HIS E 40 -13.68 15.16 22.69
N CYS E 41 -14.34 16.31 22.83
CA CYS E 41 -15.37 16.46 23.85
C CYS E 41 -16.55 15.56 23.53
N ALA E 42 -16.97 14.75 24.52
CA ALA E 42 -17.96 13.70 24.24
C ALA E 42 -19.12 13.70 25.23
N ASN E 43 -19.21 14.68 26.11
CA ASN E 43 -20.41 14.87 26.92
C ASN E 43 -20.74 16.36 26.95
N THR E 44 -21.71 16.73 27.77
CA THR E 44 -22.23 18.09 27.78
C THR E 44 -21.87 18.76 29.10
N GLU E 45 -21.21 19.92 29.01
CA GLU E 45 -20.83 20.69 30.19
C GLU E 45 -20.72 22.17 29.86
N ILE E 47 -17.67 23.90 34.07
CA ILE E 47 -17.36 23.96 35.49
C ILE E 47 -17.80 25.29 36.08
N VAL E 48 -18.31 25.24 37.31
CA VAL E 48 -18.80 26.43 38.01
C VAL E 48 -18.12 26.52 39.36
N LYS E 49 -17.80 27.75 39.77
CA LYS E 49 -17.13 28.00 41.04
C LYS E 49 -18.12 28.65 42.01
N LEU E 50 -18.07 28.21 43.26
CA LEU E 50 -18.95 28.73 44.30
C LEU E 50 -18.38 30.04 44.83
N SER E 51 -18.94 30.54 45.93
CA SER E 51 -18.44 31.78 46.52
C SER E 51 -17.05 31.59 47.11
N ASP E 52 -16.83 30.50 47.84
CA ASP E 52 -15.54 30.22 48.46
C ASP E 52 -14.60 29.44 47.56
N GLY E 53 -15.06 28.97 46.41
CA GLY E 53 -14.23 28.19 45.52
C GLY E 53 -14.51 26.71 45.60
N ARG E 54 -15.25 26.19 44.63
CA ARG E 54 -15.59 24.77 44.62
C ARG E 54 -15.90 24.29 43.21
N ASP E 59 -26.58 23.36 32.96
CA ASP E 59 -27.51 22.55 32.21
C ASP E 59 -28.76 23.34 31.84
N PRO E 60 -29.05 23.42 30.54
CA PRO E 60 -30.25 24.16 30.09
C PRO E 60 -31.55 23.58 30.62
N LYS E 61 -31.58 22.29 30.99
CA LYS E 61 -32.81 21.67 31.45
C LYS E 61 -33.21 22.14 32.84
N GLU E 62 -32.25 22.47 33.69
CA GLU E 62 -32.55 22.89 35.04
C GLU E 62 -33.30 24.22 35.05
N ASN E 63 -34.14 24.41 36.06
CA ASN E 63 -35.01 25.59 36.10
C ASN E 63 -34.21 26.86 36.35
N TRP E 64 -33.52 26.93 37.49
CA TRP E 64 -32.79 28.14 37.83
C TRP E 64 -31.38 28.19 37.25
N VAL E 65 -30.80 27.05 36.92
CA VAL E 65 -29.49 27.06 36.28
C VAL E 65 -29.59 27.71 34.91
N GLN E 66 -30.63 27.39 34.15
CA GLN E 66 -30.86 28.00 32.85
C GLN E 66 -31.57 29.35 33.01
N VAL E 69 -27.15 31.46 34.72
CA VAL E 69 -26.52 31.58 33.41
C VAL E 69 -27.06 32.81 32.68
N GLU E 70 -28.19 32.65 31.99
CA GLU E 70 -28.82 33.79 31.35
C GLU E 70 -29.25 34.82 32.39
N LYS E 71 -29.86 34.37 33.48
CA LYS E 71 -30.20 35.29 34.56
C LYS E 71 -28.94 35.88 35.20
N PHE E 72 -27.92 35.05 35.40
CA PHE E 72 -26.64 35.56 35.89
C PHE E 72 -26.00 36.51 34.90
N LEU E 73 -26.23 36.28 33.59
CA LEU E 73 -25.79 37.25 32.60
C LEU E 73 -26.53 38.57 32.77
N LYS E 74 -27.82 38.50 33.09
CA LYS E 74 -28.58 39.72 33.37
C LYS E 74 -28.11 40.43 34.63
N ARG E 75 -27.42 39.71 35.53
CA ARG E 75 -26.76 40.35 36.66
C ARG E 75 -25.50 41.08 36.24
N ALA E 76 -25.05 40.89 35.00
CA ALA E 76 -23.93 41.63 34.42
C ALA E 76 -24.29 42.16 33.04
N GLU E 77 -25.55 42.51 32.82
CA GLU E 77 -26.12 42.83 31.51
C GLU E 77 -25.64 44.16 30.95
N ASN E 78 -24.71 44.88 31.57
CA ASN E 78 -24.20 46.10 30.95
C ASN E 78 -23.50 45.77 29.63
N SER E 79 -22.74 44.68 29.61
CA SER E 79 -22.08 44.24 28.39
C SER E 79 -23.02 43.39 27.54
N PRO F 23 -15.48 45.02 14.43
CA PRO F 23 -16.16 44.18 13.45
C PRO F 23 -15.24 43.13 12.82
N PHE F 24 -15.52 41.85 13.06
CA PHE F 24 -14.75 40.77 12.46
C PHE F 24 -15.65 39.54 12.36
N HIS F 25 -15.04 38.41 12.03
CA HIS F 25 -15.80 37.17 11.90
C HIS F 25 -16.31 36.72 13.28
N PRO F 26 -17.59 36.39 13.40
CA PRO F 26 -18.12 35.84 14.66
C PRO F 26 -18.26 34.32 14.69
N LYS F 27 -17.79 33.61 13.65
CA LYS F 27 -18.16 32.20 13.51
C LYS F 27 -17.18 31.26 14.20
N PHE F 28 -15.88 31.50 14.06
CA PHE F 28 -14.86 30.54 14.49
C PHE F 28 -14.45 30.73 15.95
N ILE F 29 -15.33 31.28 16.78
CA ILE F 29 -15.10 31.38 18.22
C ILE F 29 -15.66 30.12 18.86
N LYS F 30 -14.82 29.40 19.61
CA LYS F 30 -15.15 28.07 20.09
C LYS F 30 -15.60 28.04 21.55
N GLU F 31 -14.83 28.64 22.45
CA GLU F 31 -15.10 28.56 23.88
C GLU F 31 -15.41 29.95 24.43
N LEU F 32 -16.23 29.98 25.48
CA LEU F 32 -16.65 31.23 26.11
C LEU F 32 -16.54 31.10 27.62
N ARG F 33 -16.44 32.25 28.28
CA ARG F 33 -16.39 32.29 29.74
C ARG F 33 -16.91 33.65 30.21
N VAL F 34 -17.32 33.71 31.47
CA VAL F 34 -17.82 34.93 32.07
C VAL F 34 -17.38 34.97 33.53
N ILE F 35 -16.95 36.15 33.98
CA ILE F 35 -16.50 36.36 35.35
C ILE F 35 -17.26 37.53 35.95
N GLU F 36 -17.87 37.33 37.11
CA GLU F 36 -18.60 38.40 37.77
C GLU F 36 -17.64 39.46 38.30
N SER F 37 -18.06 40.72 38.24
CA SER F 37 -17.22 41.84 38.67
C SER F 37 -17.20 41.89 40.19
N GLY F 38 -16.24 41.13 40.73
CA GLY F 38 -16.00 41.18 42.17
C GLY F 38 -14.99 42.26 42.45
N PRO F 39 -14.37 42.31 43.63
CA PRO F 39 -13.53 43.44 43.95
C PRO F 39 -12.31 43.51 43.01
N HIS F 40 -11.48 42.47 42.89
CA HIS F 40 -10.26 42.61 42.04
C HIS F 40 -10.66 42.83 40.58
N CYS F 41 -11.85 42.39 40.19
CA CYS F 41 -12.34 42.58 38.82
C CYS F 41 -13.17 43.85 38.79
N ALA F 42 -12.59 44.92 38.26
CA ALA F 42 -13.31 46.18 38.14
C ALA F 42 -14.39 46.15 37.07
N ASN F 43 -14.35 45.16 36.18
CA ASN F 43 -15.34 45.02 35.12
C ASN F 43 -15.74 43.56 35.01
N THR F 44 -16.95 43.34 34.48
CA THR F 44 -17.44 41.99 34.26
C THR F 44 -16.70 41.36 33.08
N GLU F 45 -15.59 40.69 33.35
CA GLU F 45 -14.73 40.16 32.30
C GLU F 45 -15.31 38.86 31.77
N ILE F 46 -15.51 38.80 30.46
CA ILE F 46 -15.96 37.60 29.77
C ILE F 46 -14.87 37.17 28.80
N ILE F 47 -14.51 35.90 28.84
CA ILE F 47 -13.39 35.36 28.06
C ILE F 47 -13.95 34.48 26.96
N VAL F 48 -13.53 34.76 25.72
CA VAL F 48 -13.90 33.95 24.56
C VAL F 48 -12.61 33.50 23.89
N LYS F 49 -12.44 32.19 23.76
CA LYS F 49 -11.24 31.61 23.17
C LYS F 49 -11.64 30.57 22.12
N LEU F 50 -10.83 30.48 21.07
CA LEU F 50 -11.12 29.56 19.97
C LEU F 50 -10.21 28.34 20.03
N ARG F 54 -6.11 32.91 20.03
CA ARG F 54 -6.45 34.31 20.26
C ARG F 54 -7.52 34.46 21.33
N GLU F 55 -7.10 34.47 22.59
CA GLU F 55 -8.00 34.64 23.72
C GLU F 55 -7.79 36.06 24.27
N LEU F 56 -8.77 36.93 24.02
CA LEU F 56 -8.69 38.32 24.42
C LEU F 56 -9.85 38.67 25.34
N CYS F 57 -9.55 39.44 26.38
CA CYS F 57 -10.57 39.83 27.35
C CYS F 57 -11.55 40.83 26.73
N LEU F 58 -12.82 40.71 27.13
CA LEU F 58 -13.83 41.68 26.75
C LEU F 58 -14.58 42.12 28.01
N ASP F 59 -14.89 43.40 28.09
CA ASP F 59 -15.58 43.94 29.26
C ASP F 59 -17.09 43.80 29.20
N GLU F 62 -21.30 47.60 23.03
CA GLU F 62 -21.32 48.20 21.70
C GLU F 62 -22.48 47.67 20.88
N ASN F 63 -22.77 48.33 19.76
CA ASN F 63 -23.83 47.87 18.86
C ASN F 63 -23.50 46.52 18.27
N TRP F 64 -22.20 46.22 18.08
CA TRP F 64 -21.75 44.95 17.54
C TRP F 64 -21.21 44.01 18.61
N VAL F 65 -21.07 44.48 19.85
CA VAL F 65 -20.60 43.60 20.92
C VAL F 65 -21.66 42.58 21.28
N GLN F 66 -22.92 43.01 21.39
CA GLN F 66 -24.02 42.14 21.73
C GLN F 66 -24.70 41.53 20.51
N ARG F 67 -24.22 41.85 19.31
CA ARG F 67 -24.84 41.35 18.08
C ARG F 67 -24.57 39.86 17.85
N VAL F 68 -23.67 39.25 18.60
CA VAL F 68 -23.28 37.86 18.36
C VAL F 68 -23.77 36.97 19.48
N VAL F 69 -23.76 37.49 20.71
CA VAL F 69 -23.83 36.71 21.94
C VAL F 69 -24.89 35.62 21.93
N GLU F 70 -26.15 35.98 21.65
CA GLU F 70 -27.24 35.02 21.76
C GLU F 70 -27.10 33.90 20.74
N LYS F 71 -26.80 34.25 19.48
CA LYS F 71 -26.68 33.23 18.45
C LYS F 71 -25.46 32.36 18.69
N PHE F 72 -24.35 32.96 19.10
CA PHE F 72 -23.13 32.21 19.37
C PHE F 72 -23.34 31.23 20.53
N LEU F 73 -24.05 31.67 21.58
CA LEU F 73 -24.41 30.75 22.65
C LEU F 73 -25.30 29.63 22.12
N LYS F 74 -26.19 29.96 21.19
CA LYS F 74 -26.95 28.92 20.49
C LYS F 74 -26.11 28.18 19.47
N ARG F 75 -25.02 28.79 18.98
CA ARG F 75 -24.17 28.18 17.98
C ARG F 75 -23.11 27.28 18.62
#